data_9E56
#
_entry.id   9E56
#
_cell.length_a   55.820
_cell.length_b   72.867
_cell.length_c   211.227
_cell.angle_alpha   90.00
_cell.angle_beta   90.00
_cell.angle_gamma   90.00
#
_symmetry.space_group_name_H-M   'P 21 21 21'
#
loop_
_entity.id
_entity.type
_entity.pdbx_description
1 polymer 'Amino acid adenylation domain protein'
2 non-polymer 'DEPHOSPHO COENZYME A'
3 non-polymer 'IODIDE ION'
4 water water
#
_entity_poly.entity_id   1
_entity_poly.type   'polypeptide(L)'
_entity_poly.pdbx_seq_one_letter_code
;SNAEYVQFESRSLLSLFTVGKIPPVDAAALCYWGEYDPEMFDWSRDYMIENIFENLPFWTMIKQTNWGRIAIIALPRFVS
DLYSNQDDAVQVIIEALEMAGIIGAKFVSLTGLIPSATDYGLAITKAVANREDLPKITTGHRTTGAAVVLTIKKICEQGG
RDLSTEKVGFIGLGSVGMNVLPLMLKCLPHPQEITLCDVYSKLEFLENIEQNLVHKFGFKGKIKLALSKTTVPQEIYDST
LIVGATNVANVLDIMQVKPGTLIVDDSGPHCFSVEQAIKRFQEREDILFSEGGMLRSPFPIKTTVHLLPSVEKIMNNAQK
EAVFNSNPFNIMGCAFSALLSSQFEQLEPTVGICDGEQSELHYQILQELEFEAGDLHCEHYVLPAKSIANFRQRFGKDL
;
_entity_poly.pdbx_strand_id   A,B
#
# COMPACT_ATOMS: atom_id res chain seq x y z
N GLU A 4 3.78 19.42 -16.91
CA GLU A 4 2.62 20.28 -16.64
C GLU A 4 1.33 19.46 -16.42
N TYR A 5 0.92 18.69 -17.43
CA TYR A 5 -0.19 17.75 -17.27
C TYR A 5 0.27 16.33 -17.02
N VAL A 6 1.57 16.08 -17.01
CA VAL A 6 2.10 14.76 -16.70
C VAL A 6 3.14 14.93 -15.60
N GLN A 7 2.90 14.30 -14.46
CA GLN A 7 3.75 14.40 -13.28
C GLN A 7 4.23 13.00 -12.92
N PHE A 8 5.53 12.84 -12.74
CA PHE A 8 6.09 11.57 -12.32
C PHE A 8 6.19 11.54 -10.80
N GLU A 9 5.83 10.41 -10.23
CA GLU A 9 5.80 10.22 -8.78
C GLU A 9 6.68 9.02 -8.45
N SER A 10 7.81 9.28 -7.79
CA SER A 10 8.73 8.20 -7.44
C SER A 10 8.24 7.37 -6.27
N ARG A 11 7.30 7.90 -5.48
CA ARG A 11 6.79 7.18 -4.33
C ARG A 11 5.54 6.41 -4.69
N SER A 12 5.32 5.30 -3.96
CA SER A 12 4.17 4.43 -4.18
C SER A 12 2.86 5.20 -4.06
N LEU A 13 2.03 5.11 -5.10
CA LEU A 13 0.71 5.72 -5.05
C LEU A 13 -0.12 5.13 -3.93
N LEU A 14 -0.01 3.81 -3.71
CA LEU A 14 -0.80 3.18 -2.65
C LEU A 14 -0.40 3.73 -1.29
N SER A 15 0.91 3.86 -1.04
CA SER A 15 1.37 4.41 0.23
C SER A 15 0.89 5.84 0.43
N LEU A 16 1.00 6.67 -0.61
CA LEU A 16 0.56 8.05 -0.52
C LEU A 16 -0.93 8.14 -0.26
N PHE A 17 -1.71 7.23 -0.86
CA PHE A 17 -3.14 7.21 -0.58
C PHE A 17 -3.43 6.88 0.87
N THR A 18 -2.73 5.88 1.42
CA THR A 18 -3.08 5.41 2.76
C THR A 18 -2.72 6.40 3.86
N VAL A 19 -1.82 7.35 3.61
CA VAL A 19 -1.52 8.41 4.58
C VAL A 19 -2.23 9.72 4.22
N GLY A 20 -3.17 9.69 3.30
CA GLY A 20 -3.97 10.86 2.96
C GLY A 20 -3.28 11.90 2.11
N LYS A 21 -2.16 11.57 1.47
CA LYS A 21 -1.46 12.57 0.66
C LYS A 21 -2.01 12.67 -0.76
N ILE A 22 -2.76 11.67 -1.22
CA ILE A 22 -3.51 11.83 -2.46
C ILE A 22 -4.94 11.38 -2.23
N PRO A 23 -5.91 12.02 -2.87
CA PRO A 23 -7.31 11.71 -2.60
C PRO A 23 -7.69 10.36 -3.19
N PRO A 24 -8.80 9.78 -2.74
CA PRO A 24 -9.34 8.59 -3.40
C PRO A 24 -9.68 8.85 -4.86
N VAL A 25 -9.80 7.76 -5.61
CA VAL A 25 -10.23 7.82 -6.98
C VAL A 25 -11.71 7.45 -7.04
N ASP A 26 -12.35 7.71 -8.18
CA ASP A 26 -13.75 7.38 -8.42
C ASP A 26 -13.95 6.10 -9.23
N ALA A 27 -12.93 5.68 -9.96
CA ALA A 27 -13.03 4.55 -10.86
C ALA A 27 -11.64 3.97 -11.03
N ALA A 28 -11.56 2.82 -11.68
CA ALA A 28 -10.28 2.21 -12.00
C ALA A 28 -10.42 1.49 -13.34
N ALA A 29 -9.26 1.20 -13.95
CA ALA A 29 -9.22 0.40 -15.16
C ALA A 29 -8.08 -0.59 -14.99
N LEU A 30 -8.32 -1.86 -15.33
CA LEU A 30 -7.33 -2.91 -15.17
C LEU A 30 -6.65 -3.18 -16.50
N CYS A 31 -5.33 -3.21 -16.47
CA CYS A 31 -4.53 -3.59 -17.64
C CYS A 31 -3.55 -4.68 -17.24
N TYR A 32 -2.64 -5.03 -18.13
CA TYR A 32 -1.67 -6.10 -17.90
C TYR A 32 -0.42 -5.77 -18.70
N TRP A 33 0.60 -6.61 -18.57
CA TRP A 33 1.94 -6.28 -19.04
C TRP A 33 2.21 -6.81 -20.46
N GLY A 34 1.25 -6.66 -21.37
CA GLY A 34 1.48 -7.08 -22.75
C GLY A 34 1.63 -8.60 -22.85
N GLU A 35 2.47 -9.02 -23.79
CA GLU A 35 2.67 -10.43 -24.05
C GLU A 35 4.11 -10.84 -23.72
N TYR A 36 4.26 -12.08 -23.26
CA TYR A 36 5.57 -12.64 -22.96
C TYR A 36 6.18 -13.27 -24.20
N ASP A 37 7.44 -12.94 -24.47
CA ASP A 37 8.22 -13.56 -25.54
C ASP A 37 9.56 -13.95 -24.94
N PRO A 38 9.95 -15.23 -24.98
CA PRO A 38 11.23 -15.62 -24.36
C PRO A 38 12.44 -14.91 -24.95
N GLU A 39 12.35 -14.41 -26.19
CA GLU A 39 13.46 -13.71 -26.83
C GLU A 39 13.46 -12.21 -26.54
N MET A 40 12.53 -11.71 -25.74
CA MET A 40 12.46 -10.30 -25.40
C MET A 40 12.82 -10.00 -23.95
N PHE A 41 13.00 -11.04 -23.12
CA PHE A 41 13.27 -10.85 -21.70
C PHE A 41 14.37 -11.82 -21.25
N ASP A 42 15.06 -11.43 -20.18
CA ASP A 42 16.17 -12.23 -19.66
C ASP A 42 15.72 -13.44 -18.87
N TRP A 43 14.46 -13.53 -18.48
CA TRP A 43 14.01 -14.54 -17.53
C TRP A 43 12.77 -15.25 -18.06
N SER A 44 12.46 -16.38 -17.42
CA SER A 44 11.26 -17.11 -17.75
C SER A 44 10.01 -16.28 -17.39
N ARG A 45 8.86 -16.75 -17.88
CA ARG A 45 7.59 -16.12 -17.51
C ARG A 45 7.34 -16.21 -16.02
N ASP A 46 7.62 -17.36 -15.41
CA ASP A 46 7.36 -17.52 -13.98
C ASP A 46 8.25 -16.63 -13.13
N TYR A 47 9.49 -16.40 -13.57
CA TYR A 47 10.38 -15.52 -12.84
C TYR A 47 9.85 -14.08 -12.84
N MET A 48 9.41 -13.62 -14.01
CA MET A 48 8.92 -12.24 -14.11
C MET A 48 7.67 -12.03 -13.26
N ILE A 49 6.75 -13.00 -13.28
CA ILE A 49 5.53 -12.89 -12.48
C ILE A 49 5.86 -12.84 -10.99
N GLU A 50 6.79 -13.69 -10.54
CA GLU A 50 7.03 -13.78 -9.09
C GLU A 50 7.99 -12.71 -8.59
N ASN A 51 9.00 -12.37 -9.38
CA ASN A 51 10.06 -11.48 -8.92
C ASN A 51 9.97 -10.08 -9.48
N ILE A 52 9.49 -9.90 -10.71
CA ILE A 52 9.35 -8.56 -11.29
C ILE A 52 8.00 -7.94 -10.95
N PHE A 53 6.91 -8.67 -11.19
CA PHE A 53 5.58 -8.20 -10.86
C PHE A 53 5.20 -8.51 -9.42
N GLU A 54 5.96 -9.37 -8.73
CA GLU A 54 5.74 -9.75 -7.34
C GLU A 54 4.36 -10.38 -7.11
N ASN A 55 3.73 -10.88 -8.17
CA ASN A 55 2.40 -11.51 -8.06
C ASN A 55 1.39 -10.57 -7.41
N LEU A 56 1.56 -9.26 -7.59
CA LEU A 56 0.66 -8.28 -7.01
C LEU A 56 0.16 -7.30 -8.07
N PRO A 57 -1.09 -6.87 -7.99
CA PRO A 57 -1.52 -5.77 -8.84
C PRO A 57 -0.76 -4.51 -8.49
N PHE A 58 -0.53 -3.67 -9.50
CA PHE A 58 0.32 -2.49 -9.36
C PHE A 58 -0.43 -1.25 -9.82
N TRP A 59 -0.71 -0.36 -8.88
CA TRP A 59 -1.35 0.92 -9.18
C TRP A 59 -0.30 1.86 -9.77
N THR A 60 -0.38 2.10 -11.07
CA THR A 60 0.69 2.79 -11.78
C THR A 60 0.34 4.20 -12.24
N MET A 61 -0.93 4.53 -12.43
CA MET A 61 -1.28 5.85 -12.94
C MET A 61 -2.57 6.36 -12.31
N ILE A 62 -2.68 7.68 -12.25
CA ILE A 62 -3.94 8.36 -11.98
C ILE A 62 -4.22 9.30 -13.15
N LYS A 63 -5.44 9.25 -13.68
CA LYS A 63 -5.90 10.13 -14.74
C LYS A 63 -6.98 10.98 -14.11
N GLN A 64 -6.72 12.27 -13.96
CA GLN A 64 -7.67 13.17 -13.30
C GLN A 64 -8.41 13.95 -14.37
N THR A 65 -9.66 13.55 -14.63
CA THR A 65 -10.45 14.20 -15.66
C THR A 65 -11.45 15.16 -15.01
N ASN A 66 -12.15 15.91 -15.85
CA ASN A 66 -13.17 16.80 -15.33
C ASN A 66 -14.30 16.02 -14.66
N TRP A 67 -14.48 14.76 -15.04
CA TRP A 67 -15.57 13.92 -14.55
C TRP A 67 -15.13 12.95 -13.45
N GLY A 68 -13.90 13.05 -12.96
CA GLY A 68 -13.42 12.23 -11.86
C GLY A 68 -12.06 11.66 -12.12
N ARG A 69 -11.56 10.92 -11.12
CA ARG A 69 -10.22 10.36 -11.12
C ARG A 69 -10.28 8.86 -11.39
N ILE A 70 -9.37 8.36 -12.24
CA ILE A 70 -9.29 6.95 -12.60
C ILE A 70 -7.93 6.42 -12.20
N ALA A 71 -7.93 5.34 -11.42
CA ALA A 71 -6.67 4.65 -11.12
C ALA A 71 -6.40 3.60 -12.19
N ILE A 72 -5.18 3.58 -12.73
CA ILE A 72 -4.77 2.55 -13.70
C ILE A 72 -3.99 1.49 -12.93
N ILE A 73 -4.49 0.25 -12.95
CA ILE A 73 -3.95 -0.83 -12.13
C ILE A 73 -3.55 -1.97 -13.04
N ALA A 74 -2.29 -2.40 -12.94
CA ALA A 74 -1.75 -3.45 -13.80
C ALA A 74 -1.80 -4.80 -13.08
N LEU A 75 -2.42 -5.79 -13.72
CA LEU A 75 -2.39 -7.15 -13.20
C LEU A 75 -1.00 -7.74 -13.40
N PRO A 76 -0.53 -8.58 -12.47
CA PRO A 76 0.80 -9.19 -12.56
C PRO A 76 0.83 -10.39 -13.51
N ARG A 77 0.37 -10.18 -14.75
CA ARG A 77 0.20 -11.26 -15.71
C ARG A 77 0.44 -10.72 -17.11
N PHE A 78 0.82 -11.63 -18.00
CA PHE A 78 0.83 -11.39 -19.43
C PHE A 78 -0.49 -11.88 -20.03
N VAL A 79 -0.77 -11.41 -21.24
CA VAL A 79 -2.04 -11.74 -21.89
C VAL A 79 -2.19 -13.25 -22.08
N SER A 80 -1.10 -13.98 -22.35
CA SER A 80 -1.25 -15.43 -22.50
C SER A 80 -1.65 -16.10 -21.20
N ASP A 81 -1.27 -15.52 -20.05
CA ASP A 81 -1.67 -16.09 -18.76
C ASP A 81 -3.17 -16.00 -18.54
N LEU A 82 -3.80 -14.91 -18.99
CA LEU A 82 -5.25 -14.77 -18.85
C LEU A 82 -5.98 -15.88 -19.58
N TYR A 83 -5.49 -16.27 -20.74
CA TYR A 83 -6.16 -17.32 -21.52
C TYR A 83 -5.79 -18.72 -21.05
N SER A 84 -4.60 -18.89 -20.47
CA SER A 84 -4.13 -20.23 -20.13
C SER A 84 -4.81 -20.80 -18.89
N ASN A 85 -5.35 -19.96 -18.00
CA ASN A 85 -6.12 -20.49 -16.86
C ASN A 85 -7.10 -19.41 -16.45
N GLN A 86 -8.37 -19.62 -16.79
CA GLN A 86 -9.39 -18.63 -16.47
C GLN A 86 -9.63 -18.51 -14.97
N ASP A 87 -9.46 -19.60 -14.22
CA ASP A 87 -9.62 -19.54 -12.77
C ASP A 87 -8.56 -18.63 -12.15
N ASP A 88 -7.31 -18.74 -12.62
CA ASP A 88 -6.25 -17.87 -12.13
C ASP A 88 -6.49 -16.43 -12.55
N ALA A 89 -6.89 -16.20 -13.81
CA ALA A 89 -7.23 -14.86 -14.27
C ALA A 89 -8.26 -14.20 -13.37
N VAL A 90 -9.35 -14.92 -13.07
CA VAL A 90 -10.40 -14.34 -12.23
C VAL A 90 -9.87 -14.04 -10.83
N GLN A 91 -9.04 -14.91 -10.27
CA GLN A 91 -8.57 -14.68 -8.90
C GLN A 91 -7.66 -13.45 -8.81
N VAL A 92 -6.78 -13.24 -9.78
CA VAL A 92 -5.93 -12.05 -9.73
C VAL A 92 -6.75 -10.80 -10.01
N ILE A 93 -7.80 -10.91 -10.83
CA ILE A 93 -8.69 -9.76 -11.04
C ILE A 93 -9.43 -9.41 -9.76
N ILE A 94 -9.84 -10.42 -8.98
CA ILE A 94 -10.54 -10.16 -7.72
C ILE A 94 -9.62 -9.48 -6.71
N GLU A 95 -8.35 -9.91 -6.65
CA GLU A 95 -7.37 -9.21 -5.82
C GLU A 95 -7.25 -7.74 -6.23
N ALA A 96 -7.24 -7.47 -7.54
CA ALA A 96 -7.17 -6.09 -8.02
C ALA A 96 -8.45 -5.32 -7.69
N LEU A 97 -9.62 -5.97 -7.73
CA LEU A 97 -10.87 -5.30 -7.36
C LEU A 97 -10.88 -4.92 -5.88
N GLU A 98 -10.29 -5.76 -5.02
CA GLU A 98 -10.23 -5.42 -3.61
C GLU A 98 -9.36 -4.18 -3.38
N MET A 99 -8.22 -4.09 -4.08
CA MET A 99 -7.39 -2.90 -3.96
C MET A 99 -8.13 -1.67 -4.52
N ALA A 100 -8.75 -1.83 -5.69
CA ALA A 100 -9.49 -0.72 -6.28
C ALA A 100 -10.56 -0.19 -5.34
N GLY A 101 -11.26 -1.09 -4.64
CA GLY A 101 -12.29 -0.64 -3.71
C GLY A 101 -11.72 0.14 -2.54
N ILE A 102 -10.59 -0.32 -2.00
CA ILE A 102 -9.96 0.38 -0.88
C ILE A 102 -9.60 1.82 -1.27
N ILE A 103 -9.15 2.03 -2.51
CA ILE A 103 -8.70 3.37 -2.90
C ILE A 103 -9.86 4.21 -3.45
N GLY A 104 -11.09 3.66 -3.40
CA GLY A 104 -12.29 4.41 -3.64
C GLY A 104 -13.02 4.17 -4.94
N ALA A 105 -12.54 3.27 -5.82
CA ALA A 105 -13.23 3.04 -7.08
C ALA A 105 -14.61 2.45 -6.86
N LYS A 106 -15.61 3.02 -7.55
CA LYS A 106 -16.97 2.49 -7.59
C LYS A 106 -17.25 1.58 -8.79
N PHE A 107 -16.55 1.82 -9.90
CA PHE A 107 -16.64 1.04 -11.12
C PHE A 107 -15.23 0.75 -11.61
N VAL A 108 -15.03 -0.42 -12.20
CA VAL A 108 -13.73 -0.82 -12.71
C VAL A 108 -13.88 -1.32 -14.13
N SER A 109 -13.08 -0.77 -15.05
CA SER A 109 -13.10 -1.19 -16.44
C SER A 109 -12.10 -2.31 -16.69
N LEU A 110 -12.47 -3.25 -17.54
CA LEU A 110 -11.61 -4.36 -17.92
C LEU A 110 -11.08 -4.09 -19.32
N THR A 111 -9.85 -3.60 -19.40
CA THR A 111 -9.33 -3.16 -20.69
C THR A 111 -8.69 -4.33 -21.44
N GLY A 112 -8.34 -4.09 -22.70
CA GLY A 112 -7.61 -5.08 -23.47
C GLY A 112 -8.43 -6.34 -23.68
N LEU A 113 -7.73 -7.48 -23.65
CA LEU A 113 -8.34 -8.79 -23.82
C LEU A 113 -8.85 -9.40 -22.51
N ILE A 114 -8.89 -8.66 -21.40
CA ILE A 114 -9.48 -9.22 -20.17
C ILE A 114 -10.91 -9.69 -20.40
N PRO A 115 -11.80 -8.90 -21.02
CA PRO A 115 -13.15 -9.44 -21.31
C PRO A 115 -13.10 -10.69 -22.17
N SER A 116 -12.34 -10.68 -23.27
CA SER A 116 -12.25 -11.83 -24.16
C SER A 116 -11.80 -13.10 -23.43
N ALA A 117 -10.98 -12.96 -22.39
CA ALA A 117 -10.47 -14.11 -21.66
C ALA A 117 -11.34 -14.53 -20.48
N THR A 118 -12.37 -13.74 -20.12
CA THR A 118 -13.15 -13.99 -18.90
C THR A 118 -14.64 -14.09 -19.18
N ASP A 119 -15.01 -14.64 -20.34
CA ASP A 119 -16.42 -14.69 -20.77
CA ASP A 119 -16.42 -14.69 -20.76
C ASP A 119 -17.06 -13.30 -20.72
N TYR A 120 -16.26 -12.30 -21.10
CA TYR A 120 -16.68 -10.89 -21.18
C TYR A 120 -17.17 -10.36 -19.83
N GLY A 121 -16.45 -10.73 -18.78
CA GLY A 121 -16.73 -10.31 -17.43
C GLY A 121 -17.59 -11.27 -16.64
N LEU A 122 -18.39 -12.11 -17.31
CA LEU A 122 -19.35 -12.95 -16.62
C LEU A 122 -18.68 -13.93 -15.67
N ALA A 123 -17.49 -14.44 -16.03
CA ALA A 123 -16.77 -15.32 -15.10
C ALA A 123 -16.38 -14.58 -13.83
N ILE A 124 -16.10 -13.28 -13.92
CA ILE A 124 -15.82 -12.51 -12.72
C ILE A 124 -17.10 -12.29 -11.92
N THR A 125 -18.18 -11.86 -12.59
CA THR A 125 -19.38 -11.49 -11.86
C THR A 125 -19.93 -12.67 -11.07
N LYS A 126 -19.80 -13.88 -11.61
CA LYS A 126 -20.27 -15.07 -10.90
C LYS A 126 -19.40 -15.37 -9.70
N ALA A 127 -18.09 -15.14 -9.81
CA ALA A 127 -17.21 -15.42 -8.67
C ALA A 127 -17.31 -14.39 -7.55
N VAL A 128 -17.92 -13.23 -7.79
CA VAL A 128 -18.08 -12.24 -6.73
C VAL A 128 -19.54 -11.97 -6.42
N ALA A 129 -20.44 -12.84 -6.87
CA ALA A 129 -21.87 -12.62 -6.66
C ALA A 129 -22.22 -12.61 -5.18
N ASN A 130 -21.43 -13.28 -4.36
CA ASN A 130 -21.68 -13.34 -2.93
C ASN A 130 -20.97 -12.23 -2.17
N ARG A 131 -20.44 -11.22 -2.86
CA ARG A 131 -19.76 -10.09 -2.24
C ARG A 131 -20.45 -8.80 -2.62
N GLU A 132 -20.60 -7.91 -1.63
CA GLU A 132 -21.17 -6.59 -1.86
C GLU A 132 -20.18 -5.47 -1.56
N ASP A 133 -18.95 -5.81 -1.19
CA ASP A 133 -17.91 -4.84 -0.86
C ASP A 133 -16.98 -4.53 -2.04
N LEU A 134 -17.28 -5.02 -3.24
CA LEU A 134 -16.37 -4.80 -4.35
C LEU A 134 -16.99 -3.85 -5.36
N PRO A 135 -16.17 -3.09 -6.10
CA PRO A 135 -16.73 -2.23 -7.14
C PRO A 135 -17.38 -3.05 -8.25
N LYS A 136 -18.29 -2.40 -8.98
CA LYS A 136 -18.90 -3.04 -10.14
C LYS A 136 -17.95 -3.04 -11.32
N ILE A 137 -17.99 -4.08 -12.13
CA ILE A 137 -17.09 -4.21 -13.28
C ILE A 137 -17.86 -3.84 -14.53
N THR A 138 -17.13 -3.42 -15.56
CA THR A 138 -17.69 -3.14 -16.86
C THR A 138 -16.63 -3.47 -17.89
N THR A 139 -17.05 -4.01 -19.04
CA THR A 139 -16.13 -4.14 -20.16
C THR A 139 -15.89 -2.80 -20.83
N GLY A 140 -16.79 -1.83 -20.64
CA GLY A 140 -16.66 -0.53 -21.28
C GLY A 140 -16.79 -0.57 -22.79
N HIS A 141 -17.27 -1.69 -23.34
CA HIS A 141 -17.22 -1.84 -24.81
C HIS A 141 -18.26 -1.01 -25.54
N ARG A 142 -19.33 -0.56 -24.88
CA ARG A 142 -20.23 0.37 -25.56
C ARG A 142 -19.57 1.72 -25.75
N THR A 143 -18.77 2.16 -24.78
CA THR A 143 -18.04 3.41 -24.98
C THR A 143 -16.93 3.24 -26.00
N THR A 144 -16.21 2.10 -25.94
CA THR A 144 -15.26 1.77 -26.99
C THR A 144 -15.92 1.82 -28.36
N GLY A 145 -17.10 1.24 -28.47
CA GLY A 145 -17.81 1.25 -29.75
C GLY A 145 -18.10 2.66 -30.21
N ALA A 146 -18.46 3.55 -29.27
CA ALA A 146 -18.73 4.92 -29.68
C ALA A 146 -17.44 5.65 -30.06
N ALA A 147 -16.34 5.36 -29.35
CA ALA A 147 -15.07 5.97 -29.74
C ALA A 147 -14.67 5.56 -31.14
N VAL A 148 -14.94 4.31 -31.51
CA VAL A 148 -14.57 3.85 -32.86
C VAL A 148 -15.44 4.53 -33.91
N VAL A 149 -16.74 4.66 -33.64
CA VAL A 149 -17.61 5.38 -34.57
C VAL A 149 -17.19 6.84 -34.68
N LEU A 150 -16.79 7.45 -33.55
CA LEU A 150 -16.29 8.82 -33.61
C LEU A 150 -15.02 8.91 -34.45
N THR A 151 -14.19 7.85 -34.43
CA THR A 151 -12.98 7.85 -35.23
C THR A 151 -13.29 7.62 -36.71
N ILE A 152 -14.29 6.78 -37.02
CA ILE A 152 -14.75 6.65 -38.39
C ILE A 152 -15.23 8.00 -38.92
N LYS A 153 -16.00 8.72 -38.10
CA LYS A 153 -16.45 10.06 -38.49
C LYS A 153 -15.26 10.98 -38.77
N LYS A 154 -14.29 10.99 -37.85
CA LYS A 154 -13.16 11.90 -37.98
C LYS A 154 -12.27 11.55 -39.17
N ILE A 155 -11.98 10.26 -39.39
CA ILE A 155 -11.03 9.90 -40.45
C ILE A 155 -11.66 10.14 -41.82
N CYS A 156 -12.98 10.00 -41.93
CA CYS A 156 -13.66 10.41 -43.15
C CYS A 156 -13.56 11.91 -43.37
N GLU A 157 -13.77 12.71 -42.31
CA GLU A 157 -13.63 14.16 -42.41
C GLU A 157 -12.22 14.54 -42.82
N GLN A 158 -11.22 13.98 -42.13
CA GLN A 158 -9.82 14.29 -42.45
C GLN A 158 -9.44 13.81 -43.83
N GLY A 159 -10.02 12.71 -44.28
CA GLY A 159 -9.78 12.18 -45.61
C GLY A 159 -10.46 12.93 -46.73
N GLY A 160 -11.41 13.81 -46.41
CA GLY A 160 -12.16 14.52 -47.42
C GLY A 160 -13.22 13.72 -48.13
N ARG A 161 -13.78 12.70 -47.47
CA ARG A 161 -14.76 11.83 -48.11
C ARG A 161 -15.98 11.69 -47.21
N ASP A 162 -17.10 11.30 -47.82
CA ASP A 162 -18.31 10.97 -47.09
C ASP A 162 -18.41 9.46 -46.94
N LEU A 163 -18.92 9.01 -45.79
CA LEU A 163 -19.06 7.58 -45.55
C LEU A 163 -20.02 6.93 -46.53
N SER A 164 -20.97 7.68 -47.09
CA SER A 164 -21.95 7.09 -47.99
C SER A 164 -21.32 6.56 -49.27
N THR A 165 -20.14 7.02 -49.65
CA THR A 165 -19.47 6.51 -50.84
C THR A 165 -18.48 5.39 -50.54
N GLU A 166 -18.29 5.03 -49.28
CA GLU A 166 -17.22 4.10 -48.92
C GLU A 166 -17.66 2.64 -49.06
N LYS A 167 -16.68 1.77 -49.27
CA LYS A 167 -16.83 0.33 -49.14
C LYS A 167 -16.10 -0.05 -47.86
N VAL A 168 -16.87 -0.44 -46.84
CA VAL A 168 -16.34 -0.58 -45.49
C VAL A 168 -16.10 -2.05 -45.20
N GLY A 169 -14.89 -2.38 -44.75
CA GLY A 169 -14.58 -3.74 -44.39
C GLY A 169 -14.34 -3.88 -42.90
N PHE A 170 -15.12 -4.75 -42.26
CA PHE A 170 -14.98 -5.02 -40.83
C PHE A 170 -14.13 -6.27 -40.62
N ILE A 171 -12.99 -6.12 -39.96
CA ILE A 171 -12.08 -7.21 -39.65
C ILE A 171 -12.19 -7.52 -38.17
N GLY A 172 -12.88 -8.60 -37.83
CA GLY A 172 -13.05 -8.99 -36.43
C GLY A 172 -14.40 -8.55 -35.88
N LEU A 173 -15.32 -9.49 -35.74
CA LEU A 173 -16.67 -9.15 -35.34
C LEU A 173 -16.99 -9.81 -34.01
N GLY A 174 -16.16 -9.51 -33.00
CA GLY A 174 -16.37 -9.99 -31.67
C GLY A 174 -17.10 -8.96 -30.84
N SER A 175 -16.78 -8.85 -29.56
CA SER A 175 -17.53 -7.96 -28.68
C SER A 175 -17.42 -6.51 -29.16
N VAL A 176 -16.20 -6.01 -29.37
CA VAL A 176 -16.05 -4.62 -29.81
C VAL A 176 -16.62 -4.45 -31.21
N GLY A 177 -16.24 -5.34 -32.14
CA GLY A 177 -16.66 -5.17 -33.53
C GLY A 177 -18.16 -5.09 -33.69
N MET A 178 -18.92 -5.92 -32.97
CA MET A 178 -20.37 -5.88 -33.03
C MET A 178 -21.00 -4.78 -32.18
N ASN A 179 -20.23 -4.05 -31.39
CA ASN A 179 -20.73 -2.78 -30.87
C ASN A 179 -20.62 -1.67 -31.91
N VAL A 180 -19.59 -1.74 -32.76
CA VAL A 180 -19.32 -0.68 -33.74
C VAL A 180 -20.28 -0.75 -34.91
N LEU A 181 -20.44 -1.93 -35.52
CA LEU A 181 -21.19 -2.01 -36.77
C LEU A 181 -22.61 -1.50 -36.64
N PRO A 182 -23.44 -1.95 -35.68
CA PRO A 182 -24.79 -1.37 -35.59
C PRO A 182 -24.79 0.11 -35.21
N LEU A 183 -23.87 0.53 -34.34
CA LEU A 183 -23.85 1.94 -33.94
C LEU A 183 -23.50 2.83 -35.13
N MET A 184 -22.51 2.41 -35.94
CA MET A 184 -22.17 3.16 -37.15
C MET A 184 -23.39 3.35 -38.04
N LEU A 185 -24.19 2.31 -38.23
CA LEU A 185 -25.38 2.42 -39.06
C LEU A 185 -26.42 3.33 -38.43
N LYS A 186 -26.45 3.43 -37.10
CA LYS A 186 -27.40 4.32 -36.43
C LYS A 186 -27.00 5.79 -36.57
N CYS A 187 -25.70 6.07 -36.49
CA CYS A 187 -25.18 7.41 -36.22
C CYS A 187 -24.65 8.12 -37.46
N LEU A 188 -24.21 7.39 -38.47
CA LEU A 188 -23.55 7.97 -39.63
C LEU A 188 -24.26 7.55 -40.91
N PRO A 189 -24.03 8.26 -42.02
CA PRO A 189 -24.61 7.84 -43.31
C PRO A 189 -24.20 6.41 -43.64
N HIS A 190 -25.15 5.64 -44.18
CA HIS A 190 -24.83 4.26 -44.54
C HIS A 190 -23.84 4.22 -45.70
N PRO A 191 -22.82 3.37 -45.61
CA PRO A 191 -21.91 3.19 -46.76
C PRO A 191 -22.61 2.43 -47.88
N GLN A 192 -21.93 2.33 -49.02
CA GLN A 192 -22.55 1.62 -50.12
C GLN A 192 -22.30 0.11 -50.09
N GLU A 193 -21.31 -0.35 -49.35
CA GLU A 193 -21.00 -1.76 -49.29
C GLU A 193 -20.32 -2.04 -47.95
N ILE A 194 -20.67 -3.19 -47.36
CA ILE A 194 -20.07 -3.65 -46.12
C ILE A 194 -19.56 -5.06 -46.32
N THR A 195 -18.30 -5.30 -45.97
CA THR A 195 -17.72 -6.63 -45.95
C THR A 195 -17.51 -7.06 -44.50
N LEU A 196 -17.96 -8.26 -44.17
CA LEU A 196 -17.80 -8.83 -42.84
C LEU A 196 -16.71 -9.89 -42.89
N CYS A 197 -15.65 -9.71 -42.13
CA CYS A 197 -14.51 -10.61 -42.18
C CYS A 197 -14.21 -11.14 -40.79
N ASP A 198 -14.22 -12.48 -40.65
CA ASP A 198 -13.82 -13.15 -39.42
C ASP A 198 -13.40 -14.57 -39.81
N VAL A 199 -13.08 -15.39 -38.82
CA VAL A 199 -12.49 -16.70 -39.11
C VAL A 199 -13.57 -17.68 -39.63
N TYR A 200 -13.09 -18.77 -40.23
CA TYR A 200 -13.99 -19.76 -40.85
C TYR A 200 -15.02 -20.31 -39.88
N SER A 201 -14.61 -20.57 -38.64
CA SER A 201 -15.54 -21.14 -37.68
C SER A 201 -16.70 -20.21 -37.33
N LYS A 202 -16.67 -18.94 -37.75
CA LYS A 202 -17.75 -18.00 -37.45
C LYS A 202 -18.64 -17.70 -38.65
N LEU A 203 -18.61 -18.55 -39.69
CA LEU A 203 -19.43 -18.32 -40.88
C LEU A 203 -20.91 -18.19 -40.54
N GLU A 204 -21.44 -19.13 -39.76
CA GLU A 204 -22.85 -19.05 -39.39
C GLU A 204 -23.15 -17.78 -38.60
N PHE A 205 -22.25 -17.42 -37.69
CA PHE A 205 -22.37 -16.17 -36.95
C PHE A 205 -22.44 -14.98 -37.88
N LEU A 206 -21.58 -14.95 -38.91
CA LEU A 206 -21.57 -13.84 -39.86
C LEU A 206 -22.84 -13.84 -40.71
N GLU A 207 -23.31 -15.02 -41.13
CA GLU A 207 -24.55 -15.09 -41.91
C GLU A 207 -25.74 -14.54 -41.13
N ASN A 208 -25.74 -14.70 -39.81
CA ASN A 208 -26.81 -14.09 -39.02
C ASN A 208 -26.66 -12.57 -38.97
N ILE A 209 -25.43 -12.07 -38.90
CA ILE A 209 -25.22 -10.62 -38.93
C ILE A 209 -25.75 -10.04 -40.23
N GLU A 210 -25.51 -10.73 -41.34
CA GLU A 210 -26.00 -10.28 -42.64
C GLU A 210 -27.52 -10.19 -42.66
N GLN A 211 -28.22 -11.14 -42.03
CA GLN A 211 -29.67 -11.06 -41.92
C GLN A 211 -30.07 -9.81 -41.15
N ASN A 212 -29.43 -9.56 -40.01
CA ASN A 212 -29.81 -8.41 -39.20
C ASN A 212 -29.48 -7.09 -39.90
N LEU A 213 -28.42 -7.05 -40.70
CA LEU A 213 -28.13 -5.85 -41.46
C LEU A 213 -29.31 -5.45 -42.35
N VAL A 214 -29.92 -6.44 -43.01
CA VAL A 214 -31.00 -6.14 -43.94
C VAL A 214 -32.30 -5.84 -43.20
N HIS A 215 -32.64 -6.64 -42.18
CA HIS A 215 -33.97 -6.62 -41.61
C HIS A 215 -34.09 -5.88 -40.28
N LYS A 216 -32.99 -5.72 -39.54
CA LYS A 216 -33.04 -4.98 -38.28
C LYS A 216 -32.40 -3.61 -38.35
N PHE A 217 -31.28 -3.47 -39.06
CA PHE A 217 -30.53 -2.23 -39.08
C PHE A 217 -30.76 -1.42 -40.35
N GLY A 218 -31.61 -1.91 -41.25
CA GLY A 218 -32.01 -1.13 -42.40
C GLY A 218 -30.92 -0.83 -43.40
N PHE A 219 -29.95 -1.72 -43.55
CA PHE A 219 -28.87 -1.50 -44.51
C PHE A 219 -29.34 -1.97 -45.89
N LYS A 220 -29.23 -1.08 -46.87
CA LYS A 220 -29.75 -1.34 -48.21
C LYS A 220 -28.66 -1.59 -49.25
N GLY A 221 -27.39 -1.51 -48.88
CA GLY A 221 -26.30 -1.69 -49.81
C GLY A 221 -25.86 -3.14 -49.92
N LYS A 222 -24.75 -3.33 -50.64
CA LYS A 222 -24.20 -4.65 -50.87
C LYS A 222 -23.51 -5.18 -49.62
N ILE A 223 -23.67 -6.47 -49.36
CA ILE A 223 -23.06 -7.14 -48.21
C ILE A 223 -22.25 -8.32 -48.72
N LYS A 224 -21.01 -8.44 -48.24
CA LYS A 224 -20.12 -9.56 -48.59
C LYS A 224 -19.55 -10.18 -47.32
N LEU A 225 -19.42 -11.51 -47.32
CA LEU A 225 -18.73 -12.22 -46.27
C LEU A 225 -17.35 -12.64 -46.76
N ALA A 226 -16.34 -12.46 -45.91
CA ALA A 226 -14.95 -12.76 -46.24
C ALA A 226 -14.34 -13.54 -45.10
N LEU A 227 -13.99 -14.80 -45.34
CA LEU A 227 -13.50 -15.66 -44.27
C LEU A 227 -11.98 -15.64 -44.26
N SER A 228 -11.41 -15.42 -43.07
CA SER A 228 -9.96 -15.45 -42.88
C SER A 228 -9.50 -16.84 -42.47
N LYS A 229 -8.25 -17.15 -42.83
CA LYS A 229 -7.54 -18.29 -42.28
C LYS A 229 -6.41 -17.72 -41.45
N THR A 230 -5.15 -17.78 -41.91
CA THR A 230 -4.07 -17.14 -41.18
C THR A 230 -3.96 -15.65 -41.46
N THR A 231 -4.54 -15.16 -42.57
CA THR A 231 -4.63 -13.74 -42.86
C THR A 231 -5.98 -13.47 -43.50
N VAL A 232 -6.28 -12.19 -43.72
CA VAL A 232 -7.53 -11.79 -44.37
C VAL A 232 -7.49 -12.27 -45.82
N PRO A 233 -8.63 -12.60 -46.41
CA PRO A 233 -8.64 -12.95 -47.84
C PRO A 233 -8.46 -11.70 -48.68
N GLN A 234 -8.05 -11.90 -49.94
CA GLN A 234 -7.65 -10.76 -50.75
C GLN A 234 -8.82 -9.82 -51.06
N GLU A 235 -10.06 -10.28 -50.90
CA GLU A 235 -11.21 -9.41 -51.17
C GLU A 235 -11.25 -8.21 -50.24
N ILE A 236 -10.67 -8.32 -49.04
CA ILE A 236 -10.69 -7.22 -48.08
C ILE A 236 -9.99 -5.99 -48.61
N TYR A 237 -8.98 -6.18 -49.47
CA TYR A 237 -8.26 -5.04 -50.04
C TYR A 237 -9.08 -4.27 -51.07
N ASP A 238 -10.26 -4.76 -51.43
CA ASP A 238 -11.22 -3.93 -52.19
C ASP A 238 -11.88 -2.84 -51.34
N SER A 239 -11.80 -2.92 -50.01
CA SER A 239 -12.45 -1.91 -49.17
C SER A 239 -11.69 -0.58 -49.18
N THR A 240 -12.43 0.52 -49.00
CA THR A 240 -11.81 1.83 -48.92
C THR A 240 -11.76 2.37 -47.49
N LEU A 241 -12.55 1.80 -46.59
CA LEU A 241 -12.44 2.04 -45.17
C LEU A 241 -12.41 0.67 -44.49
N ILE A 242 -11.39 0.43 -43.66
CA ILE A 242 -11.22 -0.83 -42.96
C ILE A 242 -11.34 -0.55 -41.47
N VAL A 243 -12.14 -1.34 -40.77
CA VAL A 243 -12.38 -1.19 -39.33
C VAL A 243 -11.96 -2.49 -38.63
N GLY A 244 -10.94 -2.41 -37.79
CA GLY A 244 -10.34 -3.60 -37.18
C GLY A 244 -10.64 -3.69 -35.69
N ALA A 245 -10.97 -4.90 -35.26
CA ALA A 245 -11.13 -5.20 -33.85
C ALA A 245 -10.84 -6.68 -33.62
N THR A 246 -9.62 -7.11 -33.93
CA THR A 246 -9.26 -8.52 -33.83
C THR A 246 -8.50 -8.78 -32.53
N ASN A 247 -8.45 -10.05 -32.14
CA ASN A 247 -7.55 -10.49 -31.09
C ASN A 247 -6.31 -11.17 -31.65
N VAL A 248 -6.01 -10.97 -32.95
CA VAL A 248 -4.86 -11.58 -33.62
C VAL A 248 -4.14 -10.51 -34.42
N ALA A 249 -2.87 -10.30 -34.10
CA ALA A 249 -2.05 -9.28 -34.76
C ALA A 249 -1.68 -9.68 -36.19
N ASN A 250 -1.45 -8.66 -37.02
CA ASN A 250 -0.83 -8.79 -38.35
C ASN A 250 -1.61 -9.73 -39.27
N VAL A 251 -2.94 -9.58 -39.31
CA VAL A 251 -3.68 -10.37 -40.28
C VAL A 251 -3.95 -9.59 -41.56
N LEU A 252 -3.66 -8.30 -41.57
CA LEU A 252 -3.86 -7.42 -42.71
C LEU A 252 -2.48 -6.94 -43.17
N ASP A 253 -2.21 -7.02 -44.48
CA ASP A 253 -0.95 -6.54 -45.04
C ASP A 253 -1.14 -5.09 -45.47
N ILE A 254 -0.58 -4.15 -44.69
CA ILE A 254 -0.80 -2.74 -44.97
C ILE A 254 -0.20 -2.35 -46.32
N MET A 255 0.79 -3.09 -46.80
CA MET A 255 1.36 -2.80 -48.11
C MET A 255 0.43 -3.15 -49.26
N GLN A 256 -0.61 -3.94 -49.02
CA GLN A 256 -1.53 -4.27 -50.09
C GLN A 256 -2.80 -3.44 -50.09
N VAL A 257 -3.06 -2.60 -49.08
CA VAL A 257 -4.23 -1.74 -49.20
C VAL A 257 -3.99 -0.75 -50.34
N LYS A 258 -5.05 -0.43 -51.06
CA LYS A 258 -4.93 0.45 -52.21
C LYS A 258 -4.68 1.90 -51.77
N PRO A 259 -4.03 2.70 -52.62
CA PRO A 259 -3.90 4.14 -52.33
C PRO A 259 -5.27 4.77 -52.06
N GLY A 260 -5.34 5.57 -51.00
CA GLY A 260 -6.59 6.21 -50.64
C GLY A 260 -7.34 5.56 -49.49
N THR A 261 -6.86 4.43 -48.98
CA THR A 261 -7.60 3.67 -47.98
C THR A 261 -7.50 4.31 -46.59
N LEU A 262 -8.61 4.28 -45.85
CA LEU A 262 -8.68 4.73 -44.47
C LEU A 262 -8.74 3.52 -43.55
N ILE A 263 -7.97 3.54 -42.45
CA ILE A 263 -7.92 2.39 -41.55
C ILE A 263 -8.15 2.86 -40.11
N VAL A 264 -9.18 2.31 -39.47
CA VAL A 264 -9.46 2.53 -38.08
C VAL A 264 -9.33 1.19 -37.39
N ASP A 265 -8.46 1.11 -36.38
CA ASP A 265 -8.15 -0.19 -35.78
C ASP A 265 -8.10 -0.06 -34.26
N ASP A 266 -8.98 -0.77 -33.57
CA ASP A 266 -8.85 -0.88 -32.12
C ASP A 266 -8.09 -2.12 -31.69
N SER A 267 -7.60 -2.95 -32.63
CA SER A 267 -6.82 -4.13 -32.26
C SER A 267 -5.53 -3.74 -31.56
N GLY A 268 -5.14 -4.56 -30.57
CA GLY A 268 -3.94 -4.34 -29.79
C GLY A 268 -3.29 -5.67 -29.40
N PRO A 269 -2.18 -6.02 -30.06
CA PRO A 269 -1.47 -5.26 -31.11
C PRO A 269 -2.31 -5.07 -32.38
N HIS A 270 -1.92 -4.14 -33.23
CA HIS A 270 -2.70 -3.84 -34.40
C HIS A 270 -2.75 -5.04 -35.34
N CYS A 271 -3.86 -5.11 -36.11
CA CYS A 271 -4.08 -6.16 -37.11
C CYS A 271 -3.21 -5.98 -38.34
N PHE A 272 -2.47 -4.87 -38.43
CA PHE A 272 -1.48 -4.62 -39.45
C PHE A 272 -0.20 -4.19 -38.77
N SER A 273 0.88 -4.11 -39.53
CA SER A 273 2.20 -3.75 -39.00
C SER A 273 2.30 -2.24 -38.83
N VAL A 274 2.49 -1.79 -37.58
CA VAL A 274 2.56 -0.34 -37.32
C VAL A 274 3.80 0.25 -38.00
N GLU A 275 4.94 -0.43 -37.91
CA GLU A 275 6.15 0.14 -38.53
C GLU A 275 6.04 0.19 -40.05
N GLN A 276 5.38 -0.78 -40.68
CA GLN A 276 5.21 -0.70 -42.13
C GLN A 276 4.20 0.37 -42.53
N ALA A 277 3.13 0.53 -41.74
CA ALA A 277 2.15 1.58 -42.03
C ALA A 277 2.81 2.97 -41.96
N ILE A 278 3.63 3.21 -40.95
CA ILE A 278 4.28 4.52 -40.77
C ILE A 278 5.26 4.77 -41.91
N LYS A 279 6.08 3.77 -42.23
CA LYS A 279 6.99 3.85 -43.36
C LYS A 279 6.26 4.19 -44.65
N ARG A 280 5.15 3.49 -44.94
CA ARG A 280 4.39 3.78 -46.16
C ARG A 280 3.82 5.19 -46.13
N PHE A 281 3.31 5.62 -44.96
CA PHE A 281 2.78 6.97 -44.86
C PHE A 281 3.86 8.02 -45.02
N GLN A 282 5.02 7.82 -44.39
CA GLN A 282 6.10 8.80 -44.53
C GLN A 282 6.60 8.85 -45.96
N GLU A 283 6.62 7.72 -46.66
CA GLU A 283 7.15 7.72 -48.02
C GLU A 283 6.11 8.15 -49.05
N ARG A 284 4.83 7.80 -48.86
CA ARG A 284 3.84 7.99 -49.91
C ARG A 284 2.62 8.81 -49.49
N GLU A 285 2.37 9.00 -48.20
CA GLU A 285 1.21 9.77 -47.72
C GLU A 285 -0.08 9.38 -48.43
N ASP A 286 -0.27 8.08 -48.65
CA ASP A 286 -1.42 7.60 -49.41
C ASP A 286 -2.35 6.70 -48.60
N ILE A 287 -2.18 6.63 -47.29
CA ILE A 287 -3.15 6.00 -46.40
C ILE A 287 -3.41 6.95 -45.24
N LEU A 288 -4.61 6.87 -44.67
CA LEU A 288 -4.84 7.38 -43.32
C LEU A 288 -5.12 6.20 -42.39
N PHE A 289 -4.55 6.24 -41.18
CA PHE A 289 -4.75 5.15 -40.25
C PHE A 289 -4.72 5.72 -38.85
N SER A 290 -5.49 5.10 -37.94
CA SER A 290 -5.54 5.59 -36.58
C SER A 290 -6.00 4.49 -35.64
N GLU A 291 -5.59 4.61 -34.38
CA GLU A 291 -6.30 3.96 -33.29
C GLU A 291 -7.78 4.30 -33.36
N GLY A 292 -8.63 3.37 -32.91
CA GLY A 292 -10.05 3.61 -32.93
C GLY A 292 -10.66 3.83 -31.55
N GLY A 293 -9.97 3.44 -30.49
CA GLY A 293 -10.56 3.45 -29.17
C GLY A 293 -10.26 4.66 -28.30
N MET A 294 -9.60 5.68 -28.84
CA MET A 294 -9.15 6.83 -28.06
C MET A 294 -10.13 7.99 -28.21
N LEU A 295 -10.46 8.61 -27.08
CA LEU A 295 -11.30 9.79 -27.03
C LEU A 295 -10.45 11.02 -26.76
N ARG A 296 -10.90 12.16 -27.26
CA ARG A 296 -10.32 13.45 -26.96
C ARG A 296 -11.27 14.19 -26.02
N SER A 297 -10.84 14.35 -24.76
CA SER A 297 -11.62 15.14 -23.81
C SER A 297 -11.55 16.63 -24.19
N PRO A 298 -12.64 17.39 -23.98
CA PRO A 298 -12.56 18.84 -24.19
C PRO A 298 -11.70 19.55 -23.16
N PHE A 299 -11.47 18.96 -22.01
CA PHE A 299 -10.61 19.53 -21.01
C PHE A 299 -9.33 18.72 -20.90
N PRO A 300 -8.20 19.34 -20.61
CA PRO A 300 -6.96 18.59 -20.44
C PRO A 300 -7.02 17.71 -19.20
N ILE A 301 -6.38 16.54 -19.29
CA ILE A 301 -6.37 15.54 -18.23
C ILE A 301 -5.01 15.58 -17.53
N LYS A 302 -5.02 15.59 -16.20
CA LYS A 302 -3.81 15.55 -15.41
C LYS A 302 -3.46 14.09 -15.08
N THR A 303 -2.29 13.65 -15.54
CA THR A 303 -1.83 12.27 -15.37
C THR A 303 -0.69 12.22 -14.37
N THR A 304 -0.83 11.36 -13.36
CA THR A 304 0.24 11.05 -12.43
C THR A 304 0.76 9.66 -12.76
N VAL A 305 2.07 9.51 -12.84
CA VAL A 305 2.69 8.28 -13.31
C VAL A 305 3.66 7.77 -12.26
N HIS A 306 3.44 6.54 -11.80
CA HIS A 306 4.34 5.84 -10.90
C HIS A 306 4.82 4.57 -11.60
N LEU A 307 6.04 4.60 -12.12
CA LEU A 307 6.59 3.45 -12.81
C LEU A 307 7.04 2.40 -11.80
N LEU A 308 6.86 1.14 -12.17
CA LEU A 308 7.42 0.06 -11.37
C LEU A 308 8.94 0.06 -11.55
N PRO A 309 9.72 0.12 -10.47
CA PRO A 309 11.19 0.19 -10.62
C PRO A 309 11.77 -0.96 -11.44
N SER A 310 11.27 -2.18 -11.23
CA SER A 310 11.78 -3.32 -11.98
C SER A 310 11.38 -3.26 -13.45
N VAL A 311 10.14 -2.86 -13.76
CA VAL A 311 9.74 -2.76 -15.16
C VAL A 311 10.33 -1.54 -15.83
N GLU A 312 10.75 -0.54 -15.07
CA GLU A 312 11.42 0.64 -15.62
C GLU A 312 12.83 0.28 -16.10
N ALA A 322 7.10 6.76 -23.43
CA ALA A 322 6.15 7.55 -24.22
C ALA A 322 5.12 8.20 -23.31
N VAL A 323 5.46 8.34 -22.03
CA VAL A 323 4.52 8.89 -21.06
C VAL A 323 4.49 10.42 -21.14
N PHE A 324 5.63 11.06 -20.93
CA PHE A 324 5.71 12.49 -21.12
C PHE A 324 5.42 12.82 -22.59
N ASN A 325 4.93 14.05 -22.82
CA ASN A 325 4.62 14.56 -24.16
C ASN A 325 3.41 13.86 -24.78
N SER A 326 2.94 12.77 -24.17
CA SER A 326 1.68 12.16 -24.57
C SER A 326 0.57 13.19 -24.49
N ASN A 327 -0.39 13.10 -25.43
CA ASN A 327 -1.40 14.14 -25.57
C ASN A 327 -2.27 14.23 -24.32
N PRO A 328 -2.31 15.37 -23.64
CA PRO A 328 -3.06 15.46 -22.38
C PRO A 328 -4.57 15.50 -22.54
N PHE A 329 -5.10 15.59 -23.76
CA PHE A 329 -6.54 15.51 -23.95
C PHE A 329 -7.05 14.10 -24.17
N ASN A 330 -6.17 13.12 -24.37
CA ASN A 330 -6.57 11.79 -24.80
C ASN A 330 -6.86 10.86 -23.63
N ILE A 331 -7.92 10.07 -23.77
CA ILE A 331 -8.24 9.04 -22.78
C ILE A 331 -8.89 7.86 -23.51
N MET A 332 -8.52 6.66 -23.10
CA MET A 332 -9.06 5.46 -23.71
C MET A 332 -10.55 5.34 -23.40
N GLY A 333 -11.34 5.00 -24.42
CA GLY A 333 -12.78 4.88 -24.30
C GLY A 333 -13.27 3.93 -23.22
N CYS A 334 -12.72 2.73 -23.13
CA CYS A 334 -13.24 1.80 -22.16
C CYS A 334 -12.82 2.17 -20.72
N ALA A 335 -11.64 2.78 -20.54
CA ALA A 335 -11.27 3.38 -19.26
C ALA A 335 -12.25 4.48 -18.83
N PHE A 336 -12.55 5.41 -19.74
CA PHE A 336 -13.48 6.49 -19.42
C PHE A 336 -14.89 5.97 -19.15
N SER A 337 -15.22 4.79 -19.70
CA SER A 337 -16.54 4.20 -19.48
C SER A 337 -16.86 4.05 -18.01
N ALA A 338 -15.85 3.72 -17.19
CA ALA A 338 -16.10 3.52 -15.77
C ALA A 338 -16.52 4.82 -15.07
N LEU A 339 -16.01 5.96 -15.53
CA LEU A 339 -16.50 7.24 -15.00
C LEU A 339 -17.87 7.61 -15.55
N LEU A 340 -18.17 7.22 -16.81
CA LEU A 340 -19.49 7.48 -17.33
C LEU A 340 -20.56 6.78 -16.50
N SER A 341 -20.31 5.53 -16.11
CA SER A 341 -21.27 4.78 -15.31
C SER A 341 -21.46 5.39 -13.93
N SER A 342 -20.44 6.04 -13.37
CA SER A 342 -20.67 6.68 -12.08
C SER A 342 -21.31 8.06 -12.24
N GLN A 343 -21.11 8.72 -13.37
CA GLN A 343 -21.67 10.06 -13.57
C GLN A 343 -23.11 10.03 -14.07
N PHE A 344 -23.44 9.06 -14.92
CA PHE A 344 -24.74 8.98 -15.58
C PHE A 344 -25.30 7.57 -15.36
N GLU A 345 -26.29 7.46 -14.47
CA GLU A 345 -26.77 6.15 -14.05
C GLU A 345 -27.40 5.38 -15.21
N GLN A 346 -27.92 6.09 -16.21
CA GLN A 346 -28.47 5.42 -17.39
C GLN A 346 -27.43 4.59 -18.13
N LEU A 347 -26.14 4.94 -18.01
CA LEU A 347 -25.07 4.23 -18.72
C LEU A 347 -24.58 3.06 -17.87
N GLU A 348 -25.43 2.04 -17.81
CA GLU A 348 -25.19 0.89 -16.96
C GLU A 348 -23.94 0.13 -17.43
N PRO A 349 -23.18 -0.45 -16.49
CA PRO A 349 -22.01 -1.24 -16.87
C PRO A 349 -22.40 -2.49 -17.65
N THR A 350 -21.45 -3.00 -18.44
CA THR A 350 -21.71 -4.11 -19.35
C THR A 350 -20.83 -5.29 -19.01
N VAL A 351 -21.44 -6.47 -18.93
CA VAL A 351 -20.75 -7.74 -18.83
C VAL A 351 -21.48 -8.70 -19.74
N GLY A 352 -20.74 -9.61 -20.34
CA GLY A 352 -21.27 -10.49 -21.35
C GLY A 352 -21.36 -9.79 -22.68
N ILE A 353 -21.69 -10.58 -23.71
CA ILE A 353 -21.99 -10.03 -25.02
C ILE A 353 -23.34 -9.35 -24.94
N CYS A 354 -23.34 -8.03 -25.02
CA CYS A 354 -24.54 -7.23 -24.81
C CYS A 354 -25.05 -6.74 -26.16
N ASP A 355 -26.26 -7.16 -26.51
CA ASP A 355 -26.90 -6.77 -27.76
C ASP A 355 -28.00 -5.76 -27.47
N GLY A 356 -27.99 -4.65 -28.20
CA GLY A 356 -29.00 -3.65 -28.02
C GLY A 356 -28.55 -2.30 -28.54
N GLU A 357 -29.44 -1.33 -28.38
CA GLU A 357 -29.24 0.02 -28.87
C GLU A 357 -28.63 0.95 -27.83
N GLN A 358 -28.27 0.43 -26.65
CA GLN A 358 -27.74 1.27 -25.58
C GLN A 358 -26.42 1.93 -25.96
N SER A 359 -25.73 1.42 -26.97
CA SER A 359 -24.52 2.10 -27.46
C SER A 359 -24.83 3.51 -27.92
N GLU A 360 -26.05 3.74 -28.45
CA GLU A 360 -26.40 5.08 -28.91
C GLU A 360 -26.41 6.08 -27.77
N LEU A 361 -26.80 5.66 -26.58
CA LEU A 361 -26.75 6.53 -25.41
C LEU A 361 -25.32 6.92 -25.07
N HIS A 362 -24.35 6.02 -25.27
CA HIS A 362 -22.96 6.39 -25.04
C HIS A 362 -22.49 7.41 -26.05
N TYR A 363 -22.84 7.21 -27.31
CA TYR A 363 -22.48 8.16 -28.36
C TYR A 363 -23.11 9.51 -28.12
N GLN A 364 -24.38 9.53 -27.72
CA GLN A 364 -25.07 10.80 -27.51
C GLN A 364 -24.50 11.59 -26.34
N ILE A 365 -24.20 10.92 -25.21
CA ILE A 365 -23.63 11.66 -24.09
C ILE A 365 -22.23 12.17 -24.44
N LEU A 366 -21.41 11.34 -25.11
CA LEU A 366 -20.09 11.83 -25.52
C LEU A 366 -20.20 13.09 -26.38
N GLN A 367 -21.17 13.13 -27.28
CA GLN A 367 -21.34 14.32 -28.13
C GLN A 367 -21.87 15.51 -27.34
N GLU A 368 -22.80 15.28 -26.41
CA GLU A 368 -23.25 16.35 -25.53
C GLU A 368 -22.10 16.89 -24.67
N LEU A 369 -21.16 16.04 -24.26
CA LEU A 369 -20.01 16.50 -23.49
C LEU A 369 -18.93 17.09 -24.37
N GLU A 370 -19.11 17.08 -25.68
CA GLU A 370 -18.16 17.62 -26.66
C GLU A 370 -16.85 16.82 -26.68
N PHE A 371 -16.95 15.52 -26.46
CA PHE A 371 -15.87 14.62 -26.82
C PHE A 371 -15.82 14.42 -28.32
N GLU A 372 -14.64 14.14 -28.84
CA GLU A 372 -14.53 13.62 -30.19
C GLU A 372 -13.46 12.53 -30.16
N ALA A 373 -13.20 11.93 -31.32
CA ALA A 373 -12.12 10.98 -31.41
C ALA A 373 -10.78 11.69 -31.22
N GLY A 374 -9.80 10.95 -30.72
CA GLY A 374 -8.46 11.48 -30.66
C GLY A 374 -7.95 11.84 -32.05
N ASP A 375 -7.08 12.84 -32.12
CA ASP A 375 -6.41 13.17 -33.37
C ASP A 375 -5.73 11.92 -33.92
N LEU A 376 -5.71 11.79 -35.25
CA LEU A 376 -5.26 10.54 -35.88
C LEU A 376 -3.83 10.22 -35.46
N HIS A 377 -3.64 9.00 -34.97
CA HIS A 377 -2.35 8.59 -34.42
C HIS A 377 -2.36 7.07 -34.32
N CYS A 378 -1.18 6.50 -34.17
CA CYS A 378 -1.06 5.05 -34.08
C CYS A 378 0.10 4.77 -33.14
N GLU A 379 -0.22 4.24 -31.96
CA GLU A 379 0.75 4.07 -30.87
C GLU A 379 1.53 5.36 -30.66
N HIS A 380 2.86 5.32 -30.86
CA HIS A 380 3.71 6.48 -30.61
C HIS A 380 3.63 7.55 -31.70
N TYR A 381 3.04 7.25 -32.85
CA TYR A 381 3.16 8.09 -34.03
C TYR A 381 1.90 8.90 -34.27
N VAL A 382 2.03 10.23 -34.31
CA VAL A 382 0.95 11.15 -34.64
C VAL A 382 1.06 11.53 -36.11
N LEU A 383 -0.02 11.39 -36.85
CA LEU A 383 0.02 11.77 -38.26
C LEU A 383 0.05 13.28 -38.36
N PRO A 384 1.10 13.88 -38.95
CA PRO A 384 1.17 15.35 -39.00
C PRO A 384 0.05 15.95 -39.84
N ALA A 385 -0.48 17.08 -39.39
CA ALA A 385 -1.66 17.66 -40.03
C ALA A 385 -1.42 18.04 -41.49
N LYS A 386 -0.20 18.48 -41.83
CA LYS A 386 0.06 18.81 -43.24
C LYS A 386 0.05 17.55 -44.12
N SER A 387 0.59 16.44 -43.61
CA SER A 387 0.56 15.21 -44.41
C SER A 387 -0.88 14.74 -44.61
N ILE A 388 -1.71 14.84 -43.57
CA ILE A 388 -3.14 14.55 -43.73
C ILE A 388 -3.76 15.44 -44.80
N ALA A 389 -3.40 16.73 -44.80
CA ALA A 389 -3.93 17.64 -45.82
C ALA A 389 -3.44 17.26 -47.21
N ASN A 390 -2.19 16.79 -47.33
CA ASN A 390 -1.69 16.30 -48.62
C ASN A 390 -2.51 15.10 -49.09
N PHE A 391 -2.76 14.14 -48.19
CA PHE A 391 -3.63 13.00 -48.51
C PHE A 391 -4.98 13.48 -48.99
N ARG A 392 -5.56 14.46 -48.28
CA ARG A 392 -6.89 14.94 -48.60
C ARG A 392 -6.91 15.63 -49.97
N GLN A 393 -5.83 16.33 -50.31
CA GLN A 393 -5.76 17.00 -51.61
C GLN A 393 -5.77 16.00 -52.75
N ARG A 394 -5.13 14.84 -52.56
CA ARG A 394 -5.02 13.82 -53.59
C ARG A 394 -6.18 12.82 -53.57
N PHE A 395 -6.66 12.43 -52.38
CA PHE A 395 -7.60 11.30 -52.29
C PHE A 395 -8.99 11.67 -51.79
N GLY A 396 -9.28 12.95 -51.57
CA GLY A 396 -10.64 13.35 -51.25
C GLY A 396 -11.58 13.37 -52.45
N LYS A 397 -12.68 14.12 -52.34
CA LYS A 397 -13.64 14.26 -53.44
C LYS A 397 -13.00 14.73 -54.76
N GLU B 4 9.54 -22.28 11.82
CA GLU B 4 10.00 -21.20 12.68
C GLU B 4 8.85 -20.31 13.13
N TYR B 5 9.18 -19.29 13.92
CA TYR B 5 8.22 -18.28 14.35
C TYR B 5 8.51 -16.91 13.79
N VAL B 6 9.55 -16.77 12.98
CA VAL B 6 9.88 -15.51 12.30
C VAL B 6 9.92 -15.79 10.81
N GLN B 7 9.18 -14.99 10.04
CA GLN B 7 8.97 -15.22 8.62
C GLN B 7 9.28 -13.94 7.86
N PHE B 8 10.19 -14.04 6.90
CA PHE B 8 10.60 -12.89 6.11
C PHE B 8 9.77 -12.80 4.84
N GLU B 9 9.28 -11.59 4.55
CA GLU B 9 8.41 -11.33 3.41
C GLU B 9 9.05 -10.22 2.58
N SER B 10 9.38 -10.53 1.33
CA SER B 10 10.04 -9.55 0.47
C SER B 10 9.07 -8.54 -0.12
N ARG B 11 7.78 -8.82 -0.08
CA ARG B 11 6.77 -7.93 -0.64
C ARG B 11 6.18 -7.03 0.45
N SER B 12 5.72 -5.85 0.01
CA SER B 12 5.11 -4.88 0.91
C SER B 12 3.93 -5.48 1.66
N LEU B 13 3.98 -5.41 2.99
CA LEU B 13 2.85 -5.82 3.80
C LEU B 13 1.61 -5.00 3.44
N LEU B 14 1.78 -3.72 3.14
CA LEU B 14 0.64 -2.89 2.78
C LEU B 14 -0.01 -3.40 1.49
N SER B 15 0.81 -3.74 0.49
CA SER B 15 0.26 -4.29 -0.75
C SER B 15 -0.45 -5.61 -0.51
N LEU B 16 0.17 -6.50 0.26
CA LEU B 16 -0.43 -7.80 0.54
C LEU B 16 -1.76 -7.65 1.28
N PHE B 17 -1.84 -6.68 2.20
CA PHE B 17 -3.11 -6.45 2.89
C PHE B 17 -4.19 -5.99 1.92
N THR B 18 -3.86 -5.08 0.99
CA THR B 18 -4.92 -4.48 0.18
C THR B 18 -5.48 -5.45 -0.84
N VAL B 19 -4.78 -6.55 -1.14
CA VAL B 19 -5.35 -7.57 -2.02
C VAL B 19 -5.97 -8.71 -1.23
N GLY B 20 -6.00 -8.61 0.10
CA GLY B 20 -6.59 -9.62 0.93
C GLY B 20 -5.73 -10.82 1.23
N LYS B 21 -4.43 -10.75 0.95
CA LYS B 21 -3.55 -11.87 1.25
C LYS B 21 -3.04 -11.84 2.68
N ILE B 22 -3.19 -10.73 3.39
CA ILE B 22 -2.85 -10.60 4.79
C ILE B 22 -4.12 -10.14 5.51
N PRO B 23 -4.52 -10.78 6.60
CA PRO B 23 -5.70 -10.33 7.33
C PRO B 23 -5.45 -8.97 7.99
N PRO B 24 -6.49 -8.20 8.27
CA PRO B 24 -6.28 -6.96 9.05
C PRO B 24 -5.66 -7.24 10.40
N VAL B 25 -5.16 -6.19 11.03
CA VAL B 25 -4.61 -6.28 12.37
C VAL B 25 -5.59 -5.64 13.36
N ASP B 26 -5.37 -5.90 14.64
CA ASP B 26 -6.23 -5.35 15.69
C ASP B 26 -5.66 -4.09 16.31
N ALA B 27 -4.35 -3.89 16.24
CA ALA B 27 -3.72 -2.72 16.82
C ALA B 27 -2.41 -2.48 16.09
N ALA B 28 -1.75 -1.38 16.45
CA ALA B 28 -0.48 -1.01 15.88
C ALA B 28 0.39 -0.38 16.95
N ALA B 29 1.68 -0.32 16.67
CA ALA B 29 2.62 0.39 17.53
C ALA B 29 3.58 1.16 16.63
N LEU B 30 3.73 2.47 16.92
CA LEU B 30 4.63 3.32 16.15
C LEU B 30 6.02 3.32 16.77
N CYS B 31 7.02 3.22 15.91
CA CYS B 31 8.40 3.36 16.36
C CYS B 31 9.12 4.31 15.42
N TYR B 32 10.44 4.39 15.54
CA TYR B 32 11.24 5.28 14.72
C TYR B 32 12.60 4.63 14.51
N TRP B 33 13.41 5.25 13.66
CA TRP B 33 14.66 4.61 13.21
C TRP B 33 15.84 4.94 14.13
N GLY B 34 15.69 4.70 15.42
CA GLY B 34 16.79 4.88 16.35
C GLY B 34 17.30 6.31 16.34
N GLU B 35 18.62 6.45 16.43
CA GLU B 35 19.25 7.76 16.41
C GLU B 35 20.21 7.86 15.23
N TYR B 36 20.19 9.02 14.57
CA TYR B 36 21.12 9.31 13.49
C TYR B 36 22.40 9.92 14.04
N ASP B 37 23.52 9.56 13.43
CA ASP B 37 24.83 10.04 13.84
C ASP B 37 25.84 9.73 12.74
N PRO B 38 27.09 10.24 12.82
CA PRO B 38 28.10 9.89 11.81
C PRO B 38 28.39 8.40 11.67
N GLU B 39 27.70 7.55 12.44
CA GLU B 39 27.81 6.11 12.26
C GLU B 39 27.25 5.66 10.91
N MET B 40 26.38 6.46 10.30
CA MET B 40 25.87 6.15 8.96
C MET B 40 26.97 6.17 7.90
N PHE B 41 28.13 6.75 8.23
CA PHE B 41 29.39 6.71 7.47
C PHE B 41 29.29 7.03 5.98
N ASP B 42 28.12 6.89 5.35
CA ASP B 42 28.01 7.07 3.91
C ASP B 42 26.86 7.96 3.45
N TRP B 43 25.82 8.17 4.25
CA TRP B 43 24.63 8.87 3.78
C TRP B 43 24.24 9.97 4.75
N SER B 44 23.67 11.04 4.21
CA SER B 44 23.22 12.17 5.01
C SER B 44 21.90 11.87 5.71
N ARG B 45 21.57 12.70 6.70
CA ARG B 45 20.28 12.56 7.39
C ARG B 45 19.13 12.88 6.46
N ASP B 46 19.22 13.98 5.71
CA ASP B 46 18.17 14.33 4.77
C ASP B 46 18.06 13.34 3.63
N TYR B 47 19.19 12.73 3.23
CA TYR B 47 19.15 11.71 2.19
C TYR B 47 18.41 10.48 2.67
N MET B 48 18.61 10.07 3.93
CA MET B 48 17.86 8.96 4.49
C MET B 48 16.37 9.28 4.55
N ILE B 49 16.02 10.47 5.07
CA ILE B 49 14.62 10.82 5.25
C ILE B 49 13.93 10.97 3.90
N GLU B 50 14.58 11.60 2.93
CA GLU B 50 13.92 11.92 1.67
C GLU B 50 13.94 10.76 0.69
N ASN B 51 15.05 10.00 0.65
CA ASN B 51 15.24 9.00 -0.38
C ASN B 51 15.16 7.56 0.13
N ILE B 52 15.40 7.32 1.42
CA ILE B 52 15.32 5.97 1.98
C ILE B 52 13.99 5.75 2.67
N PHE B 53 13.61 6.63 3.60
CA PHE B 53 12.30 6.52 4.24
C PHE B 53 11.19 7.07 3.36
N GLU B 54 11.52 7.93 2.40
CA GLU B 54 10.58 8.55 1.48
C GLU B 54 9.53 9.41 2.19
N ASN B 55 9.82 9.81 3.44
CA ASN B 55 8.89 10.62 4.24
C ASN B 55 7.56 9.92 4.45
N LEU B 56 7.57 8.59 4.47
CA LEU B 56 6.35 7.83 4.66
C LEU B 56 6.53 6.85 5.81
N PRO B 57 5.46 6.60 6.57
CA PRO B 57 5.50 5.50 7.53
C PRO B 57 5.72 4.19 6.79
N PHE B 58 6.35 3.25 7.47
CA PHE B 58 6.75 1.98 6.86
C PHE B 58 6.26 0.84 7.73
N TRP B 59 5.29 0.08 7.22
CA TRP B 59 4.77 -1.08 7.92
C TRP B 59 5.78 -2.21 7.77
N THR B 60 6.47 -2.54 8.86
CA THR B 60 7.61 -3.42 8.82
C THR B 60 7.38 -4.79 9.46
N MET B 61 6.52 -4.91 10.46
CA MET B 61 6.32 -6.20 11.12
C MET B 61 4.86 -6.43 11.44
N ILE B 62 4.51 -7.70 11.58
CA ILE B 62 3.25 -8.13 12.18
C ILE B 62 3.60 -9.10 13.30
N LYS B 63 2.98 -8.92 14.45
CA LYS B 63 3.09 -9.85 15.56
C LYS B 63 1.74 -10.52 15.75
N GLN B 64 1.70 -11.83 15.58
CA GLN B 64 0.51 -12.65 15.78
C GLN B 64 0.59 -13.29 17.16
N THR B 65 -0.23 -12.79 18.09
CA THR B 65 -0.31 -13.30 19.44
C THR B 65 -1.63 -14.03 19.63
N ASN B 66 -1.75 -14.73 20.77
CA ASN B 66 -3.01 -15.37 21.13
C ASN B 66 -4.11 -14.36 21.45
N TRP B 67 -3.79 -13.06 21.47
CA TRP B 67 -4.77 -12.04 21.80
C TRP B 67 -4.96 -11.04 20.66
N GLY B 68 -4.50 -11.38 19.46
CA GLY B 68 -4.71 -10.57 18.30
C GLY B 68 -3.42 -10.23 17.60
N ARG B 69 -3.56 -9.44 16.53
CA ARG B 69 -2.48 -9.07 15.64
C ARG B 69 -2.14 -7.61 15.83
N ILE B 70 -0.85 -7.29 15.84
CA ILE B 70 -0.40 -5.91 15.96
C ILE B 70 0.61 -5.62 14.86
N ALA B 71 0.40 -4.52 14.14
CA ALA B 71 1.33 -4.04 13.13
C ALA B 71 2.38 -3.13 13.78
N ILE B 72 3.63 -3.31 13.38
CA ILE B 72 4.73 -2.44 13.80
C ILE B 72 5.03 -1.51 12.64
N ILE B 73 4.94 -0.19 12.87
CA ILE B 73 5.01 0.83 11.84
C ILE B 73 6.09 1.85 12.23
N ALA B 74 7.09 2.02 11.37
CA ALA B 74 8.19 2.94 11.64
C ALA B 74 7.90 4.30 11.04
N LEU B 75 8.02 5.35 11.86
CA LEU B 75 7.93 6.71 11.35
C LEU B 75 9.20 7.06 10.59
N PRO B 76 9.10 7.87 9.53
CA PRO B 76 10.25 8.21 8.70
C PRO B 76 11.16 9.28 9.31
N ARG B 77 11.51 9.10 10.59
CA ARG B 77 12.26 10.09 11.34
C ARG B 77 13.25 9.40 12.27
N PHE B 78 14.23 10.17 12.73
CA PHE B 78 15.10 9.78 13.83
C PHE B 78 14.62 10.46 15.12
N VAL B 79 15.14 9.95 16.25
CA VAL B 79 14.65 10.40 17.54
C VAL B 79 14.94 11.88 17.77
N SER B 80 16.06 12.38 17.26
CA SER B 80 16.37 13.79 17.44
C SER B 80 15.39 14.68 16.69
N ASP B 81 14.85 14.19 15.59
CA ASP B 81 13.86 14.95 14.84
C ASP B 81 12.55 15.11 15.62
N LEU B 82 12.24 14.17 16.51
CA LEU B 82 11.00 14.28 17.27
C LEU B 82 11.07 15.40 18.29
N TYR B 83 12.22 15.58 18.95
CA TYR B 83 12.36 16.61 19.96
C TYR B 83 12.51 17.99 19.34
N SER B 84 13.40 18.14 18.36
CA SER B 84 13.66 19.45 17.79
C SER B 84 12.46 20.02 17.03
N ASN B 85 11.46 19.19 16.70
CA ASN B 85 10.34 19.68 15.90
C ASN B 85 9.09 18.89 16.27
N GLN B 86 8.43 19.31 17.35
CA GLN B 86 7.21 18.63 17.79
C GLN B 86 6.09 18.75 16.76
N ASP B 87 6.05 19.84 16.01
CA ASP B 87 5.00 20.02 15.01
C ASP B 87 5.08 18.97 13.91
N ASP B 88 6.28 18.75 13.36
CA ASP B 88 6.45 17.75 12.33
C ASP B 88 6.20 16.34 12.86
N ALA B 89 6.72 16.04 14.06
CA ALA B 89 6.50 14.73 14.66
C ALA B 89 5.02 14.40 14.75
N VAL B 90 4.21 15.36 15.19
CA VAL B 90 2.76 15.14 15.26
C VAL B 90 2.21 14.90 13.85
N GLN B 91 2.72 15.64 12.87
CA GLN B 91 2.21 15.53 11.51
C GLN B 91 2.46 14.14 10.91
N VAL B 92 3.67 13.60 11.09
CA VAL B 92 3.96 12.27 10.56
C VAL B 92 3.25 11.19 11.37
N ILE B 93 3.00 11.44 12.66
CA ILE B 93 2.26 10.46 13.47
C ILE B 93 0.82 10.35 13.00
N ILE B 94 0.19 11.48 12.66
CA ILE B 94 -1.18 11.45 12.17
C ILE B 94 -1.26 10.76 10.80
N GLU B 95 -0.22 10.91 9.98
CA GLU B 95 -0.16 10.18 8.72
C GLU B 95 -0.08 8.68 8.95
N ALA B 96 0.70 8.26 9.95
CA ALA B 96 0.79 6.85 10.29
C ALA B 96 -0.49 6.33 10.92
N LEU B 97 -1.23 7.20 11.62
CA LEU B 97 -2.49 6.76 12.21
C LEU B 97 -3.54 6.49 11.14
N GLU B 98 -3.52 7.25 10.04
CA GLU B 98 -4.46 7.00 8.96
C GLU B 98 -4.19 5.64 8.30
N MET B 99 -2.92 5.36 7.99
CA MET B 99 -2.56 4.04 7.51
C MET B 99 -2.97 2.95 8.51
N ALA B 100 -2.66 3.15 9.79
CA ALA B 100 -3.00 2.15 10.81
C ALA B 100 -4.49 1.87 10.83
N GLY B 101 -5.31 2.91 10.71
CA GLY B 101 -6.75 2.68 10.67
C GLY B 101 -7.19 1.92 9.44
N ILE B 102 -6.52 2.13 8.31
CA ILE B 102 -6.91 1.42 7.10
C ILE B 102 -6.63 -0.07 7.22
N ILE B 103 -5.51 -0.44 7.86
CA ILE B 103 -5.13 -1.85 7.97
C ILE B 103 -5.77 -2.54 9.17
N GLY B 104 -6.64 -1.85 9.92
CA GLY B 104 -7.49 -2.49 10.91
C GLY B 104 -7.30 -2.06 12.34
N ALA B 105 -6.20 -1.37 12.66
CA ALA B 105 -5.88 -1.04 14.05
C ALA B 105 -6.95 -0.18 14.71
N LYS B 106 -7.42 -0.62 15.89
CA LYS B 106 -8.32 0.18 16.71
C LYS B 106 -7.61 1.03 17.75
N PHE B 107 -6.43 0.59 18.21
CA PHE B 107 -5.62 1.33 19.15
C PHE B 107 -4.18 1.32 18.64
N VAL B 108 -3.46 2.39 18.90
CA VAL B 108 -2.08 2.53 18.44
C VAL B 108 -1.21 2.96 19.61
N SER B 109 -0.16 2.19 19.89
CA SER B 109 0.81 2.54 20.92
C SER B 109 1.87 3.49 20.39
N LEU B 110 2.35 4.36 21.26
CA LEU B 110 3.43 5.29 20.95
C LEU B 110 4.65 4.81 21.74
N THR B 111 5.55 4.10 21.08
CA THR B 111 6.68 3.50 21.76
C THR B 111 7.89 4.44 21.82
N GLY B 112 8.91 4.02 22.56
CA GLY B 112 10.12 4.83 22.67
C GLY B 112 9.85 6.19 23.26
N LEU B 113 10.57 7.19 22.77
CA LEU B 113 10.49 8.56 23.25
C LEU B 113 9.40 9.38 22.58
N ILE B 114 8.47 8.75 21.87
CA ILE B 114 7.38 9.50 21.24
C ILE B 114 6.49 10.20 22.26
N PRO B 115 6.03 9.56 23.33
CA PRO B 115 5.27 10.32 24.34
C PRO B 115 6.07 11.48 24.92
N SER B 116 7.34 11.23 25.27
CA SER B 116 8.17 12.27 25.88
C SER B 116 8.29 13.49 24.97
N ALA B 117 8.27 13.31 23.65
CA ALA B 117 8.45 14.42 22.73
C ALA B 117 7.15 15.00 22.22
N THR B 118 5.99 14.46 22.61
CA THR B 118 4.71 14.94 22.10
C THR B 118 3.75 15.23 23.25
N ASP B 119 4.29 15.68 24.39
CA ASP B 119 3.50 15.97 25.59
C ASP B 119 2.69 14.73 26.00
N TYR B 120 3.32 13.57 25.88
CA TYR B 120 2.73 12.28 26.26
C TYR B 120 1.44 12.02 25.48
N GLY B 121 1.43 12.41 24.20
CA GLY B 121 0.32 12.20 23.32
C GLY B 121 -0.70 13.32 23.30
N LEU B 122 -0.63 14.24 24.27
CA LEU B 122 -1.56 15.35 24.29
C LEU B 122 -1.46 16.18 23.01
N ALA B 123 -0.24 16.40 22.52
CA ALA B 123 -0.08 17.17 21.30
C ALA B 123 -0.70 16.47 20.10
N ILE B 124 -0.67 15.14 20.08
CA ILE B 124 -1.33 14.39 19.02
C ILE B 124 -2.84 14.50 19.14
N THR B 125 -3.36 14.27 20.34
CA THR B 125 -4.79 14.43 20.60
C THR B 125 -5.27 15.83 20.23
N LYS B 126 -4.42 16.84 20.43
CA LYS B 126 -4.82 18.19 20.08
C LYS B 126 -5.00 18.34 18.57
N ALA B 127 -4.04 17.83 17.79
CA ALA B 127 -4.06 18.03 16.34
C ALA B 127 -5.05 17.13 15.61
N VAL B 128 -5.47 16.01 16.22
CA VAL B 128 -6.52 15.21 15.60
C VAL B 128 -7.90 15.78 15.85
N ALA B 129 -8.00 16.82 16.71
CA ALA B 129 -9.18 17.64 16.93
C ALA B 129 -10.50 16.87 16.82
N ASN B 130 -11.22 17.06 15.73
CA ASN B 130 -12.55 16.48 15.57
C ASN B 130 -12.59 15.37 14.53
N ARG B 131 -11.44 14.93 14.02
CA ARG B 131 -11.42 13.81 13.09
C ARG B 131 -11.87 12.54 13.81
N GLU B 132 -12.80 11.81 13.19
CA GLU B 132 -13.31 10.57 13.73
C GLU B 132 -12.90 9.35 12.90
N ASP B 133 -11.95 9.52 11.97
CA ASP B 133 -11.48 8.44 11.12
C ASP B 133 -10.13 7.86 11.55
N LEU B 134 -9.73 8.08 12.81
CA LEU B 134 -8.41 7.65 13.25
C LEU B 134 -8.53 6.71 14.46
N PRO B 135 -7.61 5.75 14.58
CA PRO B 135 -7.59 4.91 15.77
C PRO B 135 -7.18 5.72 17.00
N LYS B 136 -7.51 5.18 18.17
CA LYS B 136 -7.11 5.81 19.42
C LYS B 136 -5.63 5.57 19.72
N ILE B 137 -4.98 6.57 20.32
CA ILE B 137 -3.58 6.42 20.70
C ILE B 137 -3.48 6.07 22.17
N THR B 138 -2.36 5.45 22.54
CA THR B 138 -2.07 5.15 23.93
C THR B 138 -0.55 5.15 24.13
N THR B 139 -0.11 5.69 25.25
CA THR B 139 1.32 5.59 25.56
C THR B 139 1.72 4.18 25.96
N GLY B 140 0.76 3.36 26.37
CA GLY B 140 1.05 2.05 26.90
C GLY B 140 1.91 2.00 28.14
N HIS B 141 2.12 3.14 28.83
CA HIS B 141 3.06 3.18 29.95
C HIS B 141 2.54 2.47 31.20
N ARG B 142 1.23 2.34 31.39
CA ARG B 142 0.73 1.51 32.49
C ARG B 142 1.08 0.05 32.28
N THR B 143 1.12 -0.41 31.03
CA THR B 143 1.56 -1.78 30.77
C THR B 143 3.08 -1.90 30.88
N THR B 144 3.80 -0.84 30.47
CA THR B 144 5.25 -0.82 30.68
C THR B 144 5.58 -0.89 32.16
N GLY B 145 4.88 -0.09 32.97
CA GLY B 145 5.11 -0.13 34.41
C GLY B 145 4.86 -1.52 34.99
N ALA B 146 3.83 -2.21 34.50
CA ALA B 146 3.58 -3.57 34.97
C ALA B 146 4.71 -4.51 34.54
N ALA B 147 5.27 -4.30 33.36
CA ALA B 147 6.38 -5.13 32.92
C ALA B 147 7.61 -4.91 33.78
N VAL B 148 7.86 -3.67 34.19
CA VAL B 148 9.03 -3.37 35.02
C VAL B 148 8.88 -4.00 36.39
N VAL B 149 7.71 -3.84 37.01
CA VAL B 149 7.44 -4.49 38.30
C VAL B 149 7.53 -6.01 38.17
N LEU B 150 7.09 -6.57 37.05
CA LEU B 150 7.27 -8.01 36.83
C LEU B 150 8.73 -8.38 36.68
N THR B 151 9.53 -7.50 36.08
CA THR B 151 10.96 -7.76 35.98
C THR B 151 11.65 -7.63 37.33
N ILE B 152 11.26 -6.62 38.12
CA ILE B 152 11.77 -6.51 39.48
C ILE B 152 11.50 -7.79 40.27
N LYS B 153 10.29 -8.31 40.15
CA LYS B 153 9.92 -9.58 40.78
C LYS B 153 10.80 -10.71 40.29
N LYS B 154 11.11 -10.73 38.99
CA LYS B 154 11.85 -11.83 38.40
C LYS B 154 13.34 -11.77 38.73
N ILE B 155 13.92 -10.58 38.74
CA ILE B 155 15.35 -10.48 38.98
C ILE B 155 15.66 -10.75 40.45
N CYS B 156 14.70 -10.49 41.36
CA CYS B 156 14.84 -10.87 42.75
C CYS B 156 14.62 -12.37 42.95
N GLU B 157 13.71 -12.97 42.20
CA GLU B 157 13.54 -14.43 42.23
C GLU B 157 14.85 -15.13 41.90
N GLN B 158 15.46 -14.76 40.77
CA GLN B 158 16.63 -15.48 40.26
C GLN B 158 17.92 -15.08 40.96
N GLY B 159 17.95 -13.92 41.61
CA GLY B 159 19.09 -13.54 42.39
C GLY B 159 19.10 -14.07 43.80
N GLY B 160 18.05 -14.78 44.21
CA GLY B 160 17.96 -15.29 45.56
C GLY B 160 17.76 -14.23 46.61
N ARG B 161 17.15 -13.10 46.24
CA ARG B 161 16.97 -11.98 47.15
C ARG B 161 15.49 -11.67 47.27
N ASP B 162 15.13 -10.96 48.34
CA ASP B 162 13.77 -10.51 48.57
C ASP B 162 13.74 -9.00 48.62
N LEU B 163 12.69 -8.42 48.04
CA LEU B 163 12.62 -6.97 47.90
C LEU B 163 12.57 -6.26 49.25
N SER B 164 11.99 -6.90 50.27
CA SER B 164 11.82 -6.24 51.57
C SER B 164 13.15 -5.87 52.22
N THR B 165 14.26 -6.46 51.78
CA THR B 165 15.57 -6.17 52.35
C THR B 165 16.46 -5.35 51.42
N GLU B 166 15.92 -4.85 50.31
CA GLU B 166 16.72 -4.13 49.33
C GLU B 166 16.67 -2.63 49.57
N LYS B 167 17.70 -1.94 49.08
CA LYS B 167 17.75 -0.49 49.02
C LYS B 167 17.58 -0.11 47.55
N VAL B 168 16.44 0.49 47.22
CA VAL B 168 16.05 0.65 45.82
C VAL B 168 16.33 2.08 45.38
N GLY B 169 17.01 2.21 44.23
CA GLY B 169 17.28 3.50 43.65
C GLY B 169 16.61 3.70 42.30
N PHE B 170 15.72 4.69 42.22
CA PHE B 170 15.03 5.01 40.98
C PHE B 170 15.80 6.11 40.25
N ILE B 171 16.22 5.83 39.02
CA ILE B 171 16.89 6.80 38.16
C ILE B 171 15.91 7.17 37.05
N GLY B 172 15.41 8.40 37.08
CA GLY B 172 14.44 8.84 36.10
C GLY B 172 13.02 8.61 36.56
N LEU B 173 12.33 9.69 36.94
CA LEU B 173 10.96 9.57 37.43
C LEU B 173 10.03 10.38 36.52
N GLY B 174 10.03 10.03 35.23
CA GLY B 174 9.08 10.59 34.29
C GLY B 174 7.82 9.77 34.20
N SER B 175 7.25 9.72 32.99
CA SER B 175 6.00 8.99 32.79
C SER B 175 6.16 7.52 33.19
N VAL B 176 7.22 6.87 32.70
CA VAL B 176 7.40 5.45 33.00
C VAL B 176 7.80 5.26 34.45
N GLY B 177 8.79 6.02 34.92
CA GLY B 177 9.29 5.81 36.28
C GLY B 177 8.21 5.97 37.33
N MET B 178 7.31 6.94 37.15
CA MET B 178 6.24 7.16 38.12
C MET B 178 5.05 6.23 37.92
N ASN B 179 5.03 5.45 36.84
CA ASN B 179 4.11 4.32 36.78
C ASN B 179 4.66 3.14 37.57
N VAL B 180 5.99 3.03 37.65
CA VAL B 180 6.62 1.86 38.25
C VAL B 180 6.58 1.95 39.78
N LEU B 181 6.96 3.09 40.33
CA LEU B 181 7.17 3.19 41.77
C LEU B 181 5.90 2.91 42.56
N PRO B 182 4.78 3.63 42.37
CA PRO B 182 3.56 3.28 43.12
C PRO B 182 3.15 1.83 42.91
N LEU B 183 3.24 1.35 41.67
CA LEU B 183 2.84 -0.03 41.38
C LEU B 183 3.73 -1.02 42.10
N MET B 184 5.04 -0.76 42.17
CA MET B 184 5.94 -1.63 42.91
C MET B 184 5.50 -1.74 44.36
N LEU B 185 5.17 -0.60 44.99
CA LEU B 185 4.74 -0.60 46.38
C LEU B 185 3.44 -1.37 46.56
N LYS B 186 2.54 -1.32 45.58
CA LYS B 186 1.25 -1.98 45.72
C LYS B 186 1.35 -3.49 45.54
N CYS B 187 2.19 -3.95 44.62
CA CYS B 187 2.21 -5.36 44.24
C CYS B 187 3.28 -6.19 44.93
N LEU B 188 4.36 -5.59 45.39
CA LEU B 188 5.50 -6.31 45.94
C LEU B 188 5.74 -5.90 47.38
N PRO B 189 6.50 -6.69 48.14
CA PRO B 189 6.86 -6.28 49.51
C PRO B 189 7.64 -4.98 49.52
N HIS B 190 7.32 -4.11 50.48
CA HIS B 190 7.97 -2.81 50.55
C HIS B 190 9.47 -2.96 50.79
N PRO B 191 10.32 -2.29 50.03
CA PRO B 191 11.75 -2.38 50.27
C PRO B 191 12.15 -1.64 51.54
N GLN B 192 13.41 -1.82 51.91
CA GLN B 192 13.94 -1.21 53.12
C GLN B 192 14.16 0.30 52.93
N GLU B 193 14.65 0.71 51.77
CA GLU B 193 14.99 2.09 51.52
C GLU B 193 14.68 2.42 50.06
N ILE B 194 14.33 3.69 49.81
CA ILE B 194 14.07 4.17 48.45
C ILE B 194 14.84 5.45 48.21
N THR B 195 15.62 5.50 47.13
CA THR B 195 16.31 6.72 46.70
C THR B 195 15.71 7.17 45.38
N LEU B 196 15.39 8.47 45.29
CA LEU B 196 14.82 9.07 44.11
C LEU B 196 15.86 9.99 43.47
N CYS B 197 16.15 9.76 42.20
CA CYS B 197 17.18 10.51 41.48
C CYS B 197 16.60 11.00 40.16
N ASP B 198 16.64 12.31 39.96
CA ASP B 198 16.33 12.92 38.67
C ASP B 198 17.18 14.16 38.53
N VAL B 199 16.90 14.97 37.51
CA VAL B 199 17.71 16.16 37.25
C VAL B 199 17.40 17.25 38.29
N TYR B 200 18.37 18.15 38.46
CA TYR B 200 18.28 19.14 39.53
C TYR B 200 17.02 19.98 39.41
N SER B 201 16.63 20.32 38.18
CA SER B 201 15.45 21.16 37.96
C SER B 201 14.16 20.51 38.43
N LYS B 202 14.16 19.21 38.73
CA LYS B 202 12.96 18.51 39.19
C LYS B 202 12.95 18.29 40.70
N LEU B 203 13.70 19.10 41.46
CA LEU B 203 13.78 18.90 42.90
C LEU B 203 12.40 19.02 43.56
N GLU B 204 11.67 20.08 43.23
CA GLU B 204 10.35 20.26 43.84
C GLU B 204 9.42 19.09 43.51
N PHE B 205 9.48 18.62 42.26
CA PHE B 205 8.71 17.44 41.86
C PHE B 205 9.07 16.22 42.69
N LEU B 206 10.37 15.98 42.91
CA LEU B 206 10.78 14.83 43.72
C LEU B 206 10.35 14.99 45.17
N GLU B 207 10.44 16.20 45.72
CA GLU B 207 10.00 16.43 47.09
C GLU B 207 8.53 16.07 47.27
N ASN B 208 7.69 16.38 46.27
CA ASN B 208 6.27 16.02 46.36
C ASN B 208 6.08 14.50 46.29
N ILE B 209 6.88 13.80 45.47
CA ILE B 209 6.79 12.35 45.44
C ILE B 209 7.07 11.79 46.82
N GLU B 210 8.06 12.35 47.52
CA GLU B 210 8.40 11.86 48.86
C GLU B 210 7.21 12.00 49.81
N GLN B 211 6.54 13.16 49.78
CA GLN B 211 5.36 13.34 50.61
C GLN B 211 4.27 12.32 50.27
N ASN B 212 4.12 11.99 48.98
CA ASN B 212 3.14 10.97 48.61
C ASN B 212 3.57 9.58 49.06
N LEU B 213 4.88 9.30 49.06
CA LEU B 213 5.35 7.98 49.51
C LEU B 213 4.94 7.70 50.95
N VAL B 214 5.05 8.70 51.83
CA VAL B 214 4.77 8.48 53.24
C VAL B 214 3.28 8.61 53.56
N HIS B 215 2.63 9.67 53.08
CA HIS B 215 1.28 9.98 53.50
C HIS B 215 0.20 9.41 52.61
N LYS B 216 0.54 8.95 51.42
CA LYS B 216 -0.43 8.38 50.49
C LYS B 216 -0.20 6.91 50.20
N PHE B 217 1.05 6.49 50.01
CA PHE B 217 1.35 5.12 49.63
C PHE B 217 1.80 4.25 50.80
N GLY B 218 1.85 4.81 52.00
CA GLY B 218 2.16 4.04 53.19
C GLY B 218 3.53 3.40 53.22
N PHE B 219 4.55 4.10 52.72
CA PHE B 219 5.91 3.58 52.74
C PHE B 219 6.59 4.00 54.05
N LYS B 220 7.06 3.02 54.81
CA LYS B 220 7.58 3.27 56.15
C LYS B 220 9.10 3.31 56.22
N GLY B 221 9.79 2.94 55.16
CA GLY B 221 11.24 2.91 55.16
C GLY B 221 11.84 4.30 54.97
N LYS B 222 13.16 4.31 54.79
CA LYS B 222 13.89 5.56 54.64
C LYS B 222 13.83 6.02 53.19
N ILE B 223 13.66 7.33 53.00
CA ILE B 223 13.59 7.95 51.69
C ILE B 223 14.71 8.97 51.57
N LYS B 224 15.43 8.92 50.46
CA LYS B 224 16.53 9.84 50.18
C LYS B 224 16.33 10.44 48.80
N LEU B 225 16.56 11.75 48.66
CA LEU B 225 16.55 12.43 47.37
C LEU B 225 18.00 12.72 46.97
N ALA B 226 18.33 12.46 45.71
CA ALA B 226 19.70 12.63 45.22
C ALA B 226 19.65 13.09 43.77
N LEU B 227 19.84 14.39 43.54
CA LEU B 227 19.67 14.95 42.21
C LEU B 227 20.92 14.76 41.36
N SER B 228 20.71 14.73 40.05
CA SER B 228 21.79 14.70 39.07
C SER B 228 21.97 16.08 38.47
N LYS B 229 23.23 16.45 38.23
CA LYS B 229 23.55 17.62 37.41
C LYS B 229 23.96 17.22 36.01
N THR B 230 24.66 16.09 35.88
CA THR B 230 24.94 15.46 34.59
C THR B 230 24.81 13.95 34.76
N THR B 231 25.80 13.34 35.42
CA THR B 231 25.74 11.94 35.78
C THR B 231 25.08 11.78 37.16
N VAL B 232 24.73 10.54 37.49
CA VAL B 232 24.01 10.28 38.74
C VAL B 232 24.94 10.56 39.91
N PRO B 233 24.41 11.01 41.05
CA PRO B 233 25.28 11.24 42.21
C PRO B 233 25.74 9.92 42.81
N GLN B 234 26.81 10.00 43.61
CA GLN B 234 27.41 8.81 44.20
C GLN B 234 26.46 8.07 45.14
N GLU B 235 25.45 8.77 45.66
CA GLU B 235 24.48 8.14 46.56
C GLU B 235 23.75 7.00 45.89
N ILE B 236 23.57 7.05 44.56
CA ILE B 236 22.84 6.01 43.86
C ILE B 236 23.56 4.68 43.94
N TYR B 237 24.89 4.69 43.96
CA TYR B 237 25.64 3.43 44.04
C TYR B 237 25.53 2.75 45.40
N ASP B 238 24.90 3.38 46.38
CA ASP B 238 24.56 2.69 47.63
C ASP B 238 23.36 1.78 47.48
N SER B 239 22.64 1.86 46.35
CA SER B 239 21.47 1.02 46.14
C SER B 239 21.88 -0.39 45.75
N THR B 240 21.08 -1.36 46.19
CA THR B 240 21.27 -2.76 45.81
C THR B 240 20.32 -3.22 44.71
N LEU B 241 19.27 -2.45 44.42
CA LEU B 241 18.45 -2.61 43.24
C LEU B 241 18.25 -1.24 42.62
N ILE B 242 18.53 -1.14 41.32
CA ILE B 242 18.48 0.12 40.58
C ILE B 242 17.45 -0.01 39.47
N VAL B 243 16.57 0.98 39.35
CA VAL B 243 15.45 0.94 38.41
C VAL B 243 15.53 2.18 37.55
N GLY B 244 15.85 2.00 36.27
CA GLY B 244 16.14 3.12 35.38
C GLY B 244 15.01 3.38 34.39
N ALA B 245 14.76 4.66 34.12
CA ALA B 245 13.81 5.06 33.09
C ALA B 245 14.12 6.48 32.64
N THR B 246 15.33 6.70 32.14
CA THR B 246 15.76 8.02 31.71
C THR B 246 15.60 8.18 30.21
N ASN B 247 15.56 9.44 29.76
CA ASN B 247 15.68 9.79 28.36
C ASN B 247 17.08 10.27 28.02
N VAL B 248 18.06 9.94 28.85
CA VAL B 248 19.46 10.31 28.64
C VAL B 248 20.30 9.07 28.87
N ALA B 249 21.22 8.80 27.96
CA ALA B 249 22.02 7.59 28.04
C ALA B 249 23.26 7.82 28.89
N ASN B 250 23.74 6.72 29.50
CA ASN B 250 25.08 6.66 30.08
C ASN B 250 25.26 7.62 31.26
N VAL B 251 24.19 7.81 32.04
CA VAL B 251 24.30 8.62 33.25
C VAL B 251 24.72 7.79 34.46
N LEU B 252 24.61 6.47 34.38
CA LEU B 252 25.00 5.55 35.45
C LEU B 252 26.25 4.81 35.03
N ASP B 253 27.29 4.86 35.87
CA ASP B 253 28.53 4.15 35.61
C ASP B 253 28.39 2.72 36.13
N ILE B 254 28.32 1.77 35.20
CA ILE B 254 28.17 0.36 35.57
C ILE B 254 29.39 -0.15 36.33
N MET B 255 30.55 0.48 36.16
CA MET B 255 31.74 0.02 36.87
C MET B 255 31.72 0.41 38.33
N GLN B 256 30.91 1.39 38.73
CA GLN B 256 30.90 1.84 40.11
C GLN B 256 29.86 1.13 40.97
N VAL B 257 28.98 0.32 40.39
CA VAL B 257 27.96 -0.35 41.20
C VAL B 257 28.62 -1.41 42.07
N LYS B 258 28.11 -1.57 43.30
CA LYS B 258 28.67 -2.55 44.21
C LYS B 258 28.38 -3.96 43.73
N PRO B 259 29.21 -4.93 44.09
CA PRO B 259 28.91 -6.33 43.77
C PRO B 259 27.62 -6.76 44.45
N GLY B 260 26.83 -7.56 43.74
CA GLY B 260 25.51 -7.93 44.22
C GLY B 260 24.41 -6.98 43.80
N THR B 261 24.71 -5.97 42.99
CA THR B 261 23.69 -5.01 42.55
C THR B 261 22.83 -5.61 41.44
N LEU B 262 21.53 -5.39 41.57
CA LEU B 262 20.54 -5.75 40.54
C LEU B 262 20.11 -4.48 39.81
N ILE B 263 20.02 -4.57 38.49
CA ILE B 263 19.70 -3.41 37.65
C ILE B 263 18.56 -3.79 36.70
N VAL B 264 17.45 -3.07 36.81
CA VAL B 264 16.33 -3.19 35.89
C VAL B 264 16.19 -1.86 35.17
N ASP B 265 16.42 -1.87 33.86
CA ASP B 265 16.46 -0.65 33.07
C ASP B 265 15.49 -0.73 31.91
N ASP B 266 14.59 0.24 31.80
CA ASP B 266 13.79 0.41 30.60
C ASP B 266 14.29 1.55 29.72
N SER B 267 15.36 2.24 30.12
CA SER B 267 15.88 3.33 29.31
C SER B 267 16.31 2.82 27.94
N GLY B 268 16.16 3.68 26.93
CA GLY B 268 16.53 3.35 25.57
C GLY B 268 17.06 4.57 24.83
N PRO B 269 18.38 4.61 24.58
CA PRO B 269 19.41 3.64 24.98
C PRO B 269 19.56 3.55 26.50
N HIS B 270 20.26 2.54 26.99
CA HIS B 270 20.27 2.30 28.41
C HIS B 270 21.00 3.41 29.15
N CYS B 271 20.68 3.55 30.44
CA CYS B 271 21.32 4.57 31.26
C CYS B 271 22.71 4.15 31.74
N PHE B 272 23.13 2.92 31.45
CA PHE B 272 24.50 2.46 31.66
C PHE B 272 25.04 1.90 30.35
N SER B 273 26.33 1.57 30.35
CA SER B 273 26.99 1.09 29.14
C SER B 273 26.76 -0.42 29.03
N VAL B 274 26.02 -0.83 27.99
CA VAL B 274 25.69 -2.24 27.84
C VAL B 274 26.96 -3.06 27.65
N GLU B 275 27.90 -2.55 26.86
CA GLU B 275 29.15 -3.26 26.62
C GLU B 275 29.87 -3.56 27.94
N GLN B 276 30.10 -2.52 28.75
CA GLN B 276 30.82 -2.71 30.01
C GLN B 276 30.03 -3.58 30.98
N ALA B 277 28.70 -3.51 30.93
CA ALA B 277 27.91 -4.37 31.82
C ALA B 277 28.11 -5.85 31.47
N ILE B 278 28.14 -6.17 30.18
CA ILE B 278 28.36 -7.56 29.77
C ILE B 278 29.75 -8.02 30.14
N LYS B 279 30.76 -7.22 29.76
CA LYS B 279 32.15 -7.54 30.05
C LYS B 279 32.35 -7.80 31.55
N ARG B 280 31.79 -6.94 32.40
CA ARG B 280 31.95 -7.12 33.84
C ARG B 280 31.23 -8.37 34.33
N PHE B 281 30.01 -8.61 33.82
CA PHE B 281 29.26 -9.80 34.23
C PHE B 281 29.98 -11.08 33.83
N GLN B 282 30.59 -11.10 32.64
CA GLN B 282 31.31 -12.28 32.20
C GLN B 282 32.53 -12.55 33.09
N GLU B 283 33.31 -11.51 33.39
CA GLU B 283 34.53 -11.72 34.18
C GLU B 283 34.25 -11.98 35.65
N ARG B 284 33.31 -11.24 36.25
CA ARG B 284 33.15 -11.28 37.70
C ARG B 284 31.82 -11.87 38.17
N GLU B 285 30.79 -11.90 37.31
CA GLU B 285 29.47 -12.44 37.66
C GLU B 285 28.95 -11.88 38.96
N ASP B 286 29.04 -10.56 39.11
CA ASP B 286 28.67 -9.90 40.36
C ASP B 286 27.55 -8.87 40.20
N ILE B 287 26.86 -8.86 39.05
CA ILE B 287 25.67 -8.04 38.87
C ILE B 287 24.63 -8.85 38.09
N LEU B 288 23.36 -8.56 38.35
CA LEU B 288 22.26 -8.97 37.48
C LEU B 288 21.63 -7.73 36.87
N PHE B 289 21.50 -7.72 35.54
CA PHE B 289 20.92 -6.59 34.84
C PHE B 289 20.02 -7.10 33.72
N SER B 290 18.97 -6.33 33.43
CA SER B 290 18.00 -6.76 32.43
C SER B 290 17.19 -5.57 31.93
N GLU B 291 16.64 -5.74 30.73
CA GLU B 291 15.54 -4.90 30.27
C GLU B 291 14.38 -5.00 31.23
N GLY B 292 13.63 -3.91 31.35
CA GLY B 292 12.47 -3.90 32.23
C GLY B 292 11.12 -3.90 31.54
N GLY B 293 11.08 -3.49 30.28
CA GLY B 293 9.81 -3.35 29.60
C GLY B 293 9.36 -4.52 28.76
N MET B 294 10.07 -5.63 28.80
CA MET B 294 9.80 -6.77 27.95
C MET B 294 8.92 -7.78 28.68
N LEU B 295 7.79 -8.14 28.06
CA LEU B 295 6.93 -9.19 28.58
C LEU B 295 7.26 -10.52 27.93
N ARG B 296 7.01 -11.61 28.65
CA ARG B 296 7.13 -12.96 28.11
C ARG B 296 5.74 -13.56 28.04
N SER B 297 5.28 -13.80 26.82
CA SER B 297 4.00 -14.45 26.57
C SER B 297 4.07 -15.94 26.94
N PRO B 298 2.96 -16.53 27.39
CA PRO B 298 2.96 -17.98 27.63
C PRO B 298 3.02 -18.78 26.35
N PHE B 299 2.71 -18.19 25.20
CA PHE B 299 2.72 -18.88 23.93
C PHE B 299 3.65 -18.18 22.96
N PRO B 300 4.34 -18.91 22.10
CA PRO B 300 5.25 -18.25 21.14
C PRO B 300 4.47 -17.40 20.16
N ILE B 301 5.05 -16.24 19.84
CA ILE B 301 4.44 -15.27 18.94
C ILE B 301 5.03 -15.46 17.55
N LYS B 302 4.18 -15.49 16.53
CA LYS B 302 4.64 -15.56 15.15
C LYS B 302 4.82 -14.16 14.60
N THR B 303 6.01 -13.88 14.08
CA THR B 303 6.38 -12.56 13.58
C THR B 303 6.60 -12.61 12.08
N THR B 304 5.98 -11.70 11.34
CA THR B 304 6.25 -11.47 9.93
C THR B 304 7.06 -10.19 9.79
N VAL B 305 8.17 -10.26 9.07
CA VAL B 305 9.09 -9.14 8.93
C VAL B 305 9.24 -8.79 7.46
N HIS B 306 8.99 -7.52 7.12
CA HIS B 306 9.31 -6.98 5.80
C HIS B 306 10.36 -5.90 6.00
N LEU B 307 11.58 -6.18 5.59
CA LEU B 307 12.69 -5.23 5.74
C LEU B 307 12.63 -4.19 4.63
N LEU B 308 12.95 -2.95 4.98
CA LEU B 308 13.02 -1.90 3.98
C LEU B 308 14.14 -2.22 3.00
N PRO B 309 13.87 -2.25 1.69
CA PRO B 309 14.89 -2.73 0.73
C PRO B 309 16.24 -2.05 0.89
N SER B 310 16.26 -0.73 1.10
CA SER B 310 17.51 -0.01 1.28
C SER B 310 18.26 -0.49 2.51
N VAL B 311 17.70 -0.23 3.70
CA VAL B 311 18.35 -0.59 4.94
C VAL B 311 18.42 -2.10 5.12
N ALA B 322 19.47 -9.81 13.57
CA ALA B 322 18.97 -9.60 14.93
C ALA B 322 17.56 -10.18 15.09
N VAL B 323 16.77 -10.10 14.02
CA VAL B 323 15.36 -10.48 14.12
C VAL B 323 15.22 -12.00 14.27
N PHE B 324 15.98 -12.78 13.49
CA PHE B 324 15.88 -14.23 13.58
C PHE B 324 16.48 -14.75 14.88
N ASN B 325 17.28 -13.95 15.57
CA ASN B 325 17.82 -14.31 16.87
C ASN B 325 16.95 -13.82 18.03
N SER B 326 15.69 -13.48 17.76
CA SER B 326 14.81 -12.93 18.77
C SER B 326 14.03 -14.04 19.46
N ASN B 327 13.74 -13.81 20.73
CA ASN B 327 12.97 -14.75 21.55
C ASN B 327 11.50 -14.68 21.15
N PRO B 328 10.92 -15.74 20.56
CA PRO B 328 9.55 -15.65 20.05
C PRO B 328 8.51 -15.50 21.14
N PHE B 329 8.87 -15.66 22.41
CA PHE B 329 7.95 -15.44 23.52
C PHE B 329 7.89 -13.99 23.98
N ASN B 330 8.86 -13.16 23.60
CA ASN B 330 8.98 -11.80 24.11
C ASN B 330 8.15 -10.82 23.28
N ILE B 331 7.49 -9.89 23.97
CA ILE B 331 6.82 -8.76 23.33
C ILE B 331 6.95 -7.54 24.23
N MET B 332 7.30 -6.41 23.62
CA MET B 332 7.47 -5.17 24.36
C MET B 332 6.15 -4.76 25.02
N GLY B 333 6.25 -4.31 26.27
CA GLY B 333 5.09 -4.03 27.09
C GLY B 333 4.08 -3.04 26.56
N CYS B 334 4.55 -1.90 26.07
CA CYS B 334 3.66 -0.87 25.64
C CYS B 334 3.07 -1.16 24.22
N ALA B 335 3.76 -1.94 23.40
CA ALA B 335 3.17 -2.42 22.15
C ALA B 335 1.97 -3.29 22.48
N PHE B 336 2.21 -4.26 23.36
CA PHE B 336 1.13 -5.17 23.78
C PHE B 336 -0.02 -4.41 24.42
N SER B 337 0.25 -3.25 24.99
CA SER B 337 -0.79 -2.46 25.64
C SER B 337 -1.89 -2.06 24.67
N ALA B 338 -1.54 -1.85 23.39
CA ALA B 338 -2.57 -1.53 22.41
C ALA B 338 -3.48 -2.73 22.15
N LEU B 339 -2.92 -3.94 22.21
CA LEU B 339 -3.74 -5.14 22.10
C LEU B 339 -4.62 -5.32 23.32
N LEU B 340 -4.09 -5.04 24.52
CA LEU B 340 -4.90 -5.12 25.73
C LEU B 340 -6.09 -4.18 25.65
N SER B 341 -5.85 -2.95 25.18
CA SER B 341 -6.95 -1.98 25.09
C SER B 341 -8.05 -2.45 24.14
N SER B 342 -7.69 -3.16 23.06
CA SER B 342 -8.71 -3.61 22.12
C SER B 342 -9.43 -4.85 22.60
N GLN B 343 -8.77 -5.69 23.42
CA GLN B 343 -9.35 -6.89 23.99
C GLN B 343 -10.13 -6.63 25.27
N PHE B 344 -9.62 -5.80 26.17
CA PHE B 344 -10.21 -5.60 27.49
C PHE B 344 -10.63 -4.14 27.63
N GLU B 345 -11.94 -3.90 27.59
CA GLU B 345 -12.45 -2.54 27.55
C GLU B 345 -12.25 -1.78 28.87
N GLN B 346 -11.89 -2.47 29.95
CA GLN B 346 -11.60 -1.76 31.20
C GLN B 346 -10.21 -1.16 31.25
N LEU B 347 -9.30 -1.57 30.36
CA LEU B 347 -7.95 -1.00 30.32
C LEU B 347 -7.93 0.16 29.32
N GLU B 348 -8.33 1.33 29.82
CA GLU B 348 -8.44 2.51 28.98
C GLU B 348 -7.07 2.93 28.46
N PRO B 349 -7.02 3.51 27.27
CA PRO B 349 -5.75 4.08 26.79
C PRO B 349 -5.35 5.31 27.58
N THR B 350 -4.05 5.55 27.65
CA THR B 350 -3.48 6.62 28.45
C THR B 350 -2.86 7.67 27.54
N VAL B 351 -3.25 8.91 27.74
CA VAL B 351 -2.67 10.06 27.05
C VAL B 351 -2.36 11.10 28.11
N GLY B 352 -1.15 11.68 28.05
CA GLY B 352 -0.70 12.61 29.06
C GLY B 352 -0.16 11.90 30.28
N ILE B 353 0.42 12.69 31.19
CA ILE B 353 0.82 12.15 32.48
C ILE B 353 -0.46 11.83 33.23
N CYS B 354 -0.83 10.55 33.28
CA CYS B 354 -2.11 10.15 33.86
C CYS B 354 -1.99 9.73 35.32
N ASP B 355 -0.85 9.17 35.70
CA ASP B 355 -0.69 8.53 37.01
C ASP B 355 -1.80 7.52 37.21
N GLY B 356 -2.69 7.77 38.17
CA GLY B 356 -3.81 6.88 38.44
C GLY B 356 -3.38 5.52 38.93
N GLU B 357 -4.33 4.69 39.32
CA GLU B 357 -3.99 3.35 39.79
C GLU B 357 -4.75 2.27 39.02
N GLN B 358 -5.09 2.55 37.76
CA GLN B 358 -5.42 1.46 36.85
C GLN B 358 -4.23 0.54 36.60
N SER B 359 -3.02 0.99 36.98
CA SER B 359 -1.81 0.19 36.79
C SER B 359 -1.96 -1.20 37.39
N GLU B 360 -2.64 -1.32 38.53
CA GLU B 360 -2.88 -2.64 39.12
C GLU B 360 -3.69 -3.52 38.20
N LEU B 361 -4.65 -2.94 37.48
CA LEU B 361 -5.47 -3.72 36.55
C LEU B 361 -4.61 -4.35 35.47
N HIS B 362 -3.68 -3.57 34.89
CA HIS B 362 -2.76 -4.13 33.91
C HIS B 362 -1.95 -5.27 34.51
N TYR B 363 -1.41 -5.05 35.71
CA TYR B 363 -0.63 -6.08 36.37
C TYR B 363 -1.47 -7.32 36.63
N GLN B 364 -2.69 -7.14 37.12
CA GLN B 364 -3.55 -8.29 37.41
C GLN B 364 -3.92 -9.03 36.13
N ILE B 365 -4.28 -8.30 35.07
CA ILE B 365 -4.66 -8.95 33.81
C ILE B 365 -3.50 -9.75 33.24
N LEU B 366 -2.28 -9.20 33.30
CA LEU B 366 -1.13 -9.91 32.77
C LEU B 366 -0.87 -11.20 33.52
N GLN B 367 -0.97 -11.17 34.85
CA GLN B 367 -0.81 -12.40 35.63
C GLN B 367 -1.91 -13.39 35.32
N GLU B 368 -3.14 -12.90 35.16
CA GLU B 368 -4.26 -13.75 34.77
C GLU B 368 -3.97 -14.49 33.46
N LEU B 369 -3.36 -13.79 32.50
CA LEU B 369 -3.03 -14.37 31.20
C LEU B 369 -1.75 -15.19 31.23
N GLU B 370 -1.15 -15.41 32.39
CA GLU B 370 0.08 -16.20 32.55
C GLU B 370 1.29 -15.51 31.92
N PHE B 371 1.23 -14.19 31.80
CA PHE B 371 2.40 -13.42 31.40
C PHE B 371 3.36 -13.26 32.56
N GLU B 372 4.64 -13.14 32.24
CA GLU B 372 5.65 -12.71 33.20
C GLU B 372 6.65 -11.86 32.46
N ALA B 373 7.69 -11.43 33.17
CA ALA B 373 8.75 -10.67 32.54
C ALA B 373 9.57 -11.57 31.62
N GLY B 374 10.17 -10.96 30.59
CA GLY B 374 11.10 -11.70 29.77
C GLY B 374 12.26 -12.22 30.58
N ASP B 375 12.85 -13.31 30.12
CA ASP B 375 14.05 -13.82 30.76
C ASP B 375 15.13 -12.75 30.76
N LEU B 376 15.94 -12.73 31.82
CA LEU B 376 16.94 -11.69 32.00
C LEU B 376 17.80 -11.55 30.75
N HIS B 377 17.78 -10.36 30.17
CA HIS B 377 18.50 -10.10 28.94
C HIS B 377 18.67 -8.60 28.81
N CYS B 378 19.71 -8.21 28.07
CA CYS B 378 19.94 -6.80 27.77
C CYS B 378 20.30 -6.68 26.30
N GLU B 379 19.43 -5.99 25.54
CA GLU B 379 19.55 -5.88 24.09
C GLU B 379 19.78 -7.24 23.46
N HIS B 380 20.90 -7.41 22.76
CA HIS B 380 21.19 -8.66 22.06
C HIS B 380 21.76 -9.74 22.97
N TYR B 381 22.04 -9.44 24.24
CA TYR B 381 22.74 -10.36 25.13
C TYR B 381 21.78 -10.97 26.14
N VAL B 382 21.77 -12.31 26.21
CA VAL B 382 20.96 -13.04 27.18
C VAL B 382 21.88 -13.54 28.30
N LEU B 383 21.49 -13.30 29.53
CA LEU B 383 22.29 -13.69 30.69
C LEU B 383 22.21 -15.21 30.90
N PRO B 384 23.30 -15.95 30.69
CA PRO B 384 23.23 -17.42 30.78
C PRO B 384 22.72 -17.89 32.14
N ALA B 385 21.87 -18.92 32.11
CA ALA B 385 21.20 -19.36 33.33
C ALA B 385 22.18 -19.91 34.36
N LYS B 386 23.33 -20.43 33.90
CA LYS B 386 24.35 -20.92 34.83
C LYS B 386 25.08 -19.76 35.52
N SER B 387 25.36 -18.69 34.77
CA SER B 387 25.95 -17.51 35.39
C SER B 387 24.99 -16.86 36.39
N ILE B 388 23.68 -16.97 36.14
CA ILE B 388 22.70 -16.46 37.09
C ILE B 388 22.76 -17.26 38.39
N ALA B 389 22.96 -18.58 38.28
CA ALA B 389 23.04 -19.42 39.47
C ALA B 389 24.31 -19.12 40.26
N ASN B 390 25.42 -18.81 39.58
CA ASN B 390 26.65 -18.42 40.27
C ASN B 390 26.43 -17.14 41.07
N PHE B 391 25.80 -16.13 40.45
CA PHE B 391 25.45 -14.92 41.18
C PHE B 391 24.64 -15.24 42.42
N ARG B 392 23.64 -16.12 42.28
CA ARG B 392 22.79 -16.45 43.41
C ARG B 392 23.57 -17.14 44.52
N GLN B 393 24.68 -17.80 44.17
CA GLN B 393 25.53 -18.43 45.18
C GLN B 393 26.38 -17.40 45.92
N ARG B 394 27.03 -16.51 45.17
CA ARG B 394 27.93 -15.54 45.77
C ARG B 394 27.20 -14.40 46.45
N PHE B 395 25.99 -14.04 45.98
CA PHE B 395 25.33 -12.81 46.45
C PHE B 395 23.87 -13.00 46.82
N GLY B 396 23.38 -14.23 46.92
CA GLY B 396 22.02 -14.51 47.31
C GLY B 396 21.93 -15.19 48.66
N LYS B 397 20.75 -15.74 48.93
CA LYS B 397 20.51 -16.42 50.21
C LYS B 397 19.44 -17.50 50.07
#